data_2GTW
#
_entry.id   2GTW
#
_cell.length_a   58.309
_cell.length_b   84.271
_cell.length_c   84.293
_cell.angle_alpha   90.00
_cell.angle_beta   90.11
_cell.angle_gamma   90.00
#
_symmetry.space_group_name_H-M   'P 1 21 1'
#
loop_
_entity.id
_entity.type
_entity.pdbx_description
1 polymer 'HLA-A*0201 heavy chain'
2 polymer Beta-2-microglobulin
3 polymer 'octapeptide from Melan-A/MART-1'
4 non-polymer GLYCEROL
5 non-polymer 'FORMIC ACID'
6 non-polymer 'SODIUM ION'
7 water water
#
loop_
_entity_poly.entity_id
_entity_poly.type
_entity_poly.pdbx_seq_one_letter_code
_entity_poly.pdbx_strand_id
1 'polypeptide(L)'
;GSHSMRYFFTSVSRPGRGEPRFIAVGYVDDTQFVRFDSDAASQRMEPRAPWIEQEGPEYWDGETRKVKAHSQTHRVDLGT
LRGYYNQSEAGSHTVQRMYGCDVGSDWRFLRGYHQYAYDGKDYIALKEDLRSWTAADMAAQTTKHKWEAAHVAEQLRAYL
EGTCVEWLRRYLENGKETLQRTDAPKTHMTHHAVSDHEATLRCWALSFYPAEITLTWQRDGEDQTQDTELVETRPAGDGT
FQKWAAVVVPSGQEQRYTCHVQHEGLPKPLTLRWE
;
A,D
2 'polypeptide(L)'
;MIQRTPKIQVYSRHPAENGKSNFLNCYVSGFHPSDIEVDLLKNGERIEKVEHSDLSFSKDWSFYLLYYTEFTPTEKDEYA
CRVNHVTLSQPKIVKWDRDM
;
B,E
3 'polypeptide(L)' LAGIGILTV C,F
#
loop_
_chem_comp.id
_chem_comp.type
_chem_comp.name
_chem_comp.formula
FMT non-polymer 'FORMIC ACID' 'C H2 O2'
GOL non-polymer GLYCEROL 'C3 H8 O3'
NA non-polymer 'SODIUM ION' 'Na 1'
#
# COMPACT_ATOMS: atom_id res chain seq x y z
N GLY A 1 5.79 13.22 -9.21
CA GLY A 1 5.13 12.44 -10.31
C GLY A 1 3.63 12.35 -10.06
N SER A 2 3.23 11.73 -8.96
CA SER A 2 1.82 11.51 -8.66
C SER A 2 1.13 12.78 -8.13
N HIS A 3 -0.17 12.94 -8.40
CA HIS A 3 -0.93 14.15 -7.99
C HIS A 3 -2.31 13.91 -7.40
N SER A 4 -2.83 14.90 -6.68
CA SER A 4 -4.13 14.78 -6.06
C SER A 4 -4.89 16.09 -6.13
N MET A 5 -6.22 15.99 -6.14
CA MET A 5 -7.07 17.18 -5.93
C MET A 5 -7.95 16.86 -4.75
N ARG A 6 -8.06 17.77 -3.79
CA ARG A 6 -8.90 17.53 -2.62
C ARG A 6 -9.63 18.80 -2.22
N TYR A 7 -10.88 18.63 -1.82
CA TYR A 7 -11.69 19.72 -1.26
C TYR A 7 -11.96 19.39 0.19
N PHE A 8 -11.90 20.43 1.04
CA PHE A 8 -12.03 20.26 2.50
C PHE A 8 -13.13 21.22 2.95
N PHE A 9 -14.07 20.75 3.76
CA PHE A 9 -15.21 21.56 4.20
C PHE A 9 -15.35 21.42 5.70
N THR A 10 -15.53 22.54 6.39
CA THR A 10 -15.71 22.48 7.83
C THR A 10 -16.91 23.35 8.20
N SER A 11 -17.84 22.82 8.99
CA SER A 11 -18.97 23.66 9.48
C SER A 11 -18.99 23.51 10.96
N VAL A 12 -19.10 24.64 11.62
CA VAL A 12 -19.10 24.66 13.08
C VAL A 12 -20.32 25.40 13.63
N SER A 13 -21.10 24.77 14.51
CA SER A 13 -22.24 25.46 15.07
C SER A 13 -21.81 26.42 16.14
N ARG A 14 -22.58 27.48 16.32
CA ARG A 14 -22.31 28.44 17.36
C ARG A 14 -23.65 28.80 17.97
N PRO A 15 -24.11 27.98 18.93
CA PRO A 15 -25.48 28.12 19.43
C PRO A 15 -25.70 29.44 20.14
N GLY A 16 -26.81 30.09 19.78
CA GLY A 16 -27.13 31.43 20.29
C GLY A 16 -26.30 32.58 19.75
N ARG A 17 -25.48 32.34 18.72
CA ARG A 17 -24.63 33.37 18.14
C ARG A 17 -24.75 33.34 16.62
N GLY A 18 -25.90 32.88 16.14
CA GLY A 18 -26.19 32.88 14.70
C GLY A 18 -26.01 31.55 13.97
N GLU A 19 -25.83 31.68 12.65
CA GLU A 19 -25.71 30.54 11.77
C GLU A 19 -24.33 29.91 11.95
N PRO A 20 -24.21 28.62 11.59
CA PRO A 20 -22.91 28.00 11.62
C PRO A 20 -21.89 28.61 10.70
N ARG A 21 -20.62 28.52 11.11
CA ARG A 21 -19.53 29.03 10.29
C ARG A 21 -19.20 27.94 9.31
N PHE A 22 -19.00 28.27 8.03
CA PHE A 22 -18.67 27.28 6.98
C PHE A 22 -17.45 27.78 6.24
N ILE A 23 -16.44 26.91 6.17
CA ILE A 23 -15.21 27.24 5.40
C ILE A 23 -14.91 26.10 4.47
N ALA A 24 -14.63 26.41 3.20
CA ALA A 24 -14.23 25.41 2.18
C ALA A 24 -12.93 25.84 1.57
N VAL A 25 -12.04 24.86 1.38
CA VAL A 25 -10.77 25.09 0.66
C VAL A 25 -10.51 23.97 -0.34
N GLY A 26 -9.86 24.29 -1.45
CA GLY A 26 -9.48 23.24 -2.39
C GLY A 26 -7.99 23.30 -2.59
N TYR A 27 -7.39 22.11 -2.78
CA TYR A 27 -5.97 22.00 -2.98
C TYR A 27 -5.71 21.15 -4.19
N VAL A 28 -4.65 21.46 -4.94
CA VAL A 28 -3.99 20.49 -5.83
C VAL A 28 -2.66 20.13 -5.20
N ASP A 29 -2.49 18.85 -4.83
CA ASP A 29 -1.31 18.45 -4.04
C ASP A 29 -1.24 19.33 -2.78
N ASP A 30 -0.12 19.98 -2.56
CA ASP A 30 0.04 20.82 -1.38
C ASP A 30 -0.14 22.30 -1.63
N THR A 31 -0.83 22.62 -2.72
CA THR A 31 -1.00 24.02 -3.11
C THR A 31 -2.51 24.37 -3.07
N GLN A 32 -2.88 25.30 -2.18
CA GLN A 32 -4.29 25.74 -2.08
C GLN A 32 -4.62 26.60 -3.32
N PHE A 33 -5.83 26.43 -3.89
CA PHE A 33 -6.22 27.26 -5.04
C PHE A 33 -7.54 28.01 -4.92
N VAL A 34 -8.41 27.58 -4.01
CA VAL A 34 -9.69 28.29 -3.83
C VAL A 34 -10.10 28.32 -2.35
N ARG A 35 -10.94 29.30 -2.00
CA ARG A 35 -11.56 29.27 -0.68
C ARG A 35 -12.94 29.86 -0.69
N PHE A 36 -13.74 29.48 0.30
CA PHE A 36 -15.01 30.17 0.56
C PHE A 36 -15.10 30.29 2.08
N ASP A 37 -15.52 31.44 2.58
CA ASP A 37 -15.79 31.61 4.02
C ASP A 37 -17.17 32.25 4.18
N SER A 38 -18.05 31.60 4.93
CA SER A 38 -19.46 32.05 5.16
C SER A 38 -19.50 33.39 5.86
N ASP A 39 -18.47 33.71 6.64
CA ASP A 39 -18.51 34.96 7.40
C ASP A 39 -17.96 36.17 6.63
N ALA A 40 -17.40 35.92 5.45
CA ALA A 40 -16.71 36.97 4.72
C ALA A 40 -17.73 37.78 3.95
N ALA A 41 -17.33 38.98 3.55
CA ALA A 41 -18.26 39.90 2.91
C ALA A 41 -18.67 39.47 1.49
N SER A 42 -17.76 38.83 0.76
CA SER A 42 -17.94 38.68 -0.68
C SER A 42 -19.01 37.67 -1.05
N GLN A 43 -19.10 36.60 -0.25
CA GLN A 43 -20.01 35.50 -0.50
C GLN A 43 -19.73 34.84 -1.85
N ARG A 44 -18.45 34.83 -2.23
CA ARG A 44 -18.03 34.19 -3.46
C ARG A 44 -16.94 33.19 -3.17
N MET A 45 -16.85 32.18 -4.01
CA MET A 45 -15.63 31.38 -4.05
C MET A 45 -14.56 32.31 -4.61
N GLU A 46 -13.37 32.26 -4.01
CA GLU A 46 -12.31 33.21 -4.29
C GLU A 46 -11.02 32.45 -4.65
N PRO A 47 -10.23 33.02 -5.59
CA PRO A 47 -8.95 32.41 -5.96
C PRO A 47 -7.91 32.57 -4.89
N ARG A 48 -7.06 31.56 -4.76
CA ARG A 48 -5.94 31.61 -3.81
C ARG A 48 -4.64 31.14 -4.47
N ALA A 49 -4.62 30.96 -5.78
CA ALA A 49 -3.39 30.62 -6.51
C ALA A 49 -3.41 31.44 -7.77
N PRO A 50 -2.25 31.91 -8.25
CA PRO A 50 -2.25 32.73 -9.47
C PRO A 50 -2.80 32.03 -10.73
N TRP A 51 -2.60 30.72 -10.85
CA TRP A 51 -2.99 30.00 -12.05
C TRP A 51 -4.50 29.69 -12.18
N ILE A 52 -5.26 29.95 -11.12
CA ILE A 52 -6.70 29.73 -11.20
C ILE A 52 -7.42 31.03 -11.55
N GLU A 53 -6.71 32.16 -11.45
CA GLU A 53 -7.31 33.50 -11.73
C GLU A 53 -7.84 33.64 -13.14
N GLN A 54 -7.26 32.87 -14.07
CA GLN A 54 -7.65 32.96 -15.48
C GLN A 54 -8.98 32.29 -15.80
N GLU A 55 -9.54 31.50 -14.88
CA GLU A 55 -10.86 30.93 -15.10
C GLU A 55 -11.89 32.05 -15.17
N GLY A 56 -12.84 31.90 -16.09
CA GLY A 56 -13.74 32.98 -16.40
C GLY A 56 -14.92 33.03 -15.46
N PRO A 57 -15.82 33.98 -15.72
CA PRO A 57 -16.99 34.21 -14.88
C PRO A 57 -17.90 33.00 -14.69
N GLU A 58 -18.06 32.18 -15.75
CA GLU A 58 -18.87 30.96 -15.61
C GLU A 58 -18.35 30.00 -14.50
N TYR A 59 -17.01 29.89 -14.40
CA TYR A 59 -16.37 29.07 -13.41
C TYR A 59 -16.66 29.62 -12.02
N TRP A 60 -16.37 30.90 -11.80
CA TRP A 60 -16.58 31.48 -10.44
C TRP A 60 -18.06 31.49 -10.01
N ASP A 61 -18.97 31.75 -10.95
CA ASP A 61 -20.38 31.70 -10.64
C ASP A 61 -20.83 30.28 -10.29
N GLY A 62 -20.32 29.30 -11.03
CA GLY A 62 -20.68 27.90 -10.82
C GLY A 62 -20.09 27.34 -9.54
N GLU A 63 -18.83 27.66 -9.26
CA GLU A 63 -18.20 27.21 -8.01
C GLU A 63 -18.86 27.87 -6.82
N THR A 64 -19.28 29.14 -6.95
CA THR A 64 -19.96 29.84 -5.84
C THR A 64 -21.32 29.21 -5.56
N ARG A 65 -22.06 28.91 -6.62
CA ARG A 65 -23.36 28.22 -6.46
C ARG A 65 -23.20 26.85 -5.79
N LYS A 66 -22.21 26.09 -6.24
CA LYS A 66 -22.01 24.78 -5.59
C LYS A 66 -21.54 24.85 -4.17
N VAL A 67 -20.62 25.78 -3.88
CA VAL A 67 -20.11 25.86 -2.50
C VAL A 67 -21.20 26.36 -1.53
N LYS A 68 -22.13 27.17 -2.01
CA LYS A 68 -23.25 27.61 -1.17
C LYS A 68 -24.21 26.48 -0.89
N ALA A 69 -24.40 25.61 -1.88
CA ALA A 69 -25.26 24.41 -1.70
C ALA A 69 -24.61 23.46 -0.72
N HIS A 70 -23.28 23.33 -0.75
CA HIS A 70 -22.56 22.55 0.27
C HIS A 70 -22.76 23.15 1.65
N SER A 71 -22.70 24.48 1.74
CA SER A 71 -22.87 25.19 3.03
C SER A 71 -24.23 24.91 3.63
N GLN A 72 -25.24 24.88 2.77
CA GLN A 72 -26.64 24.71 3.23
C GLN A 72 -26.85 23.28 3.71
N THR A 73 -26.29 22.29 3.00
CA THR A 73 -26.46 20.91 3.46
C THR A 73 -25.74 20.69 4.79
N HIS A 74 -24.55 21.28 4.98
CA HIS A 74 -23.79 21.05 6.23
C HIS A 74 -24.48 21.77 7.39
N ARG A 75 -25.12 22.90 7.09
CA ARG A 75 -25.98 23.57 8.06
C ARG A 75 -27.11 22.69 8.60
N VAL A 76 -27.82 22.03 7.68
CA VAL A 76 -28.87 21.08 8.04
C VAL A 76 -28.27 19.91 8.81
N ASP A 77 -27.11 19.42 8.37
CA ASP A 77 -26.47 18.29 9.03
C ASP A 77 -26.22 18.48 10.50
N LEU A 78 -25.81 19.70 10.86
CA LEU A 78 -25.55 19.99 12.26
C LEU A 78 -26.78 19.72 13.11
N GLY A 79 -27.95 20.21 12.68
CA GLY A 79 -29.22 19.85 13.36
C GLY A 79 -29.53 18.36 13.39
N THR A 80 -29.35 17.70 12.26
CA THR A 80 -29.67 16.26 12.11
C THR A 80 -28.83 15.41 13.01
N LEU A 81 -27.54 15.71 13.04
CA LEU A 81 -26.62 14.99 13.94
C LEU A 81 -26.88 15.25 15.44
N ARG A 82 -27.34 16.44 15.80
CA ARG A 82 -27.70 16.65 17.16
C ARG A 82 -28.87 15.73 17.56
N GLY A 83 -29.77 15.49 16.60
CA GLY A 83 -30.90 14.57 16.79
C GLY A 83 -30.43 13.15 16.89
N TYR A 84 -29.52 12.77 16.00
CA TYR A 84 -29.05 11.37 15.99
C TYR A 84 -28.33 11.01 17.30
N TYR A 85 -27.64 11.97 17.90
CA TYR A 85 -26.81 11.67 19.08
C TYR A 85 -27.46 12.20 20.37
N ASN A 86 -28.70 12.69 20.25
CA ASN A 86 -29.46 13.23 21.41
C ASN A 86 -28.66 14.25 22.19
N GLN A 87 -28.06 15.16 21.43
CA GLN A 87 -27.31 16.28 22.01
C GLN A 87 -28.11 17.55 22.20
N SER A 88 -27.68 18.39 23.13
CA SER A 88 -28.41 19.63 23.40
C SER A 88 -27.84 20.81 22.60
N GLU A 89 -28.36 21.99 22.88
CA GLU A 89 -27.80 23.22 22.29
C GLU A 89 -26.76 23.88 23.18
N ALA A 90 -26.29 23.21 24.22
CA ALA A 90 -25.35 23.88 25.16
C ALA A 90 -23.97 24.11 24.55
N GLY A 91 -23.63 23.24 23.59
CA GLY A 91 -22.31 23.19 22.99
C GLY A 91 -22.18 23.32 21.49
N SER A 92 -20.97 23.69 21.07
CA SER A 92 -20.68 23.79 19.66
C SER A 92 -20.26 22.40 19.15
N HIS A 93 -20.60 22.10 17.90
CA HIS A 93 -20.21 20.85 17.26
C HIS A 93 -19.63 21.10 15.86
N THR A 94 -18.89 20.13 15.33
CA THR A 94 -18.15 20.32 14.07
C THR A 94 -18.48 19.19 13.11
N VAL A 95 -18.82 19.54 11.88
CA VAL A 95 -18.85 18.54 10.79
C VAL A 95 -17.71 18.86 9.81
N GLN A 96 -17.08 17.81 9.29
CA GLN A 96 -15.97 17.96 8.30
C GLN A 96 -16.27 16.99 7.19
N ARG A 97 -16.03 17.43 5.95
CA ARG A 97 -16.13 16.53 4.79
C ARG A 97 -14.89 16.77 3.94
N MET A 98 -14.33 15.71 3.36
CA MET A 98 -13.22 15.88 2.45
C MET A 98 -13.41 14.90 1.32
N TYR A 99 -13.17 15.35 0.09
CA TYR A 99 -13.22 14.38 -1.01
C TYR A 99 -12.32 14.79 -2.14
N GLY A 100 -12.03 13.85 -3.03
CA GLY A 100 -11.14 14.16 -4.12
C GLY A 100 -10.56 12.90 -4.75
N CYS A 101 -9.53 13.07 -5.57
CA CYS A 101 -9.08 11.97 -6.42
C CYS A 101 -7.55 12.05 -6.50
N ASP A 102 -6.89 10.90 -6.66
CA ASP A 102 -5.44 10.80 -6.90
C ASP A 102 -5.22 10.24 -8.30
N VAL A 103 -4.16 10.73 -8.96
CA VAL A 103 -3.65 10.18 -10.23
C VAL A 103 -2.16 9.82 -10.10
N GLY A 104 -1.67 8.96 -10.97
CA GLY A 104 -0.26 8.59 -10.91
C GLY A 104 0.56 9.53 -11.76
N SER A 105 1.83 9.19 -11.97
CA SER A 105 2.75 9.97 -12.80
C SER A 105 2.30 10.18 -14.25
N ASP A 106 1.35 9.35 -14.68
CA ASP A 106 0.89 9.38 -16.07
C ASP A 106 -0.49 10.02 -16.14
N TRP A 107 -0.92 10.53 -14.99
CA TRP A 107 -2.17 11.31 -14.82
C TRP A 107 -3.42 10.47 -15.01
N ARG A 108 -3.27 9.17 -14.83
CA ARG A 108 -4.44 8.33 -14.89
C ARG A 108 -4.87 8.09 -13.46
N PHE A 109 -6.19 8.14 -13.27
CA PHE A 109 -6.87 7.81 -11.98
C PHE A 109 -6.29 6.64 -11.17
N LEU A 110 -5.96 6.89 -9.89
CA LEU A 110 -5.53 5.82 -9.00
C LEU A 110 -6.73 5.45 -8.18
N ARG A 111 -7.19 6.41 -7.39
CA ARG A 111 -8.32 6.18 -6.48
C ARG A 111 -9.02 7.46 -6.11
N GLY A 112 -10.23 7.30 -5.56
CA GLY A 112 -11.07 8.43 -5.15
C GLY A 112 -11.43 8.24 -3.70
N TYR A 113 -11.83 9.33 -3.08
CA TYR A 113 -12.20 9.28 -1.65
C TYR A 113 -13.27 10.29 -1.31
N HIS A 114 -14.09 9.93 -0.32
CA HIS A 114 -15.08 10.86 0.17
C HIS A 114 -15.34 10.43 1.59
N GLN A 115 -15.04 11.32 2.54
CA GLN A 115 -15.06 10.98 3.96
C GLN A 115 -15.74 12.11 4.73
N TYR A 116 -16.45 11.73 5.77
CA TYR A 116 -17.20 12.69 6.60
C TYR A 116 -16.85 12.39 8.08
N ALA A 117 -16.75 13.46 8.91
CA ALA A 117 -16.42 13.31 10.35
C ALA A 117 -17.38 14.18 11.12
N TYR A 118 -17.72 13.71 12.32
CA TYR A 118 -18.51 14.56 13.24
C TYR A 118 -17.76 14.64 14.55
N ASP A 119 -17.59 15.87 15.05
CA ASP A 119 -16.80 16.10 16.28
C ASP A 119 -15.44 15.35 16.28
N GLY A 120 -14.77 15.42 15.14
CA GLY A 120 -13.38 14.99 15.01
C GLY A 120 -13.13 13.50 14.89
N LYS A 121 -14.18 12.72 14.66
CA LYS A 121 -14.07 11.25 14.61
C LYS A 121 -14.74 10.84 13.28
N ASP A 122 -14.24 9.77 12.66
CA ASP A 122 -14.88 9.26 11.41
C ASP A 122 -16.37 9.03 11.63
N TYR A 123 -17.18 9.37 10.63
CA TYR A 123 -18.62 9.18 10.69
C TYR A 123 -18.98 8.21 9.55
N ILE A 124 -18.82 8.63 8.29
CA ILE A 124 -19.11 7.69 7.19
C ILE A 124 -18.11 7.95 6.05
N ALA A 125 -17.72 6.93 5.30
CA ALA A 125 -16.75 7.17 4.23
C ALA A 125 -17.10 6.22 3.09
N LEU A 126 -16.86 6.64 1.85
CA LEU A 126 -16.88 5.72 0.73
C LEU A 126 -15.74 4.72 0.78
N LYS A 127 -16.09 3.46 0.53
CA LYS A 127 -15.08 2.42 0.40
C LYS A 127 -14.27 2.65 -0.88
N GLU A 128 -13.12 1.97 -0.97
CA GLU A 128 -12.16 2.15 -2.09
C GLU A 128 -12.80 1.88 -3.47
N ASP A 129 -13.77 0.96 -3.51
CA ASP A 129 -14.45 0.64 -4.76
C ASP A 129 -15.47 1.72 -5.21
N LEU A 130 -15.76 2.71 -4.34
CA LEU A 130 -16.73 3.78 -4.63
C LEU A 130 -18.17 3.29 -4.83
N ARG A 131 -18.46 2.09 -4.34
CA ARG A 131 -19.80 1.52 -4.49
C ARG A 131 -20.46 1.21 -3.17
N SER A 132 -19.78 1.43 -2.05
CA SER A 132 -20.32 1.03 -0.74
C SER A 132 -19.71 1.90 0.31
N TRP A 133 -20.29 1.85 1.52
CA TRP A 133 -19.95 2.78 2.58
C TRP A 133 -19.43 2.06 3.81
N THR A 134 -18.53 2.74 4.51
CA THR A 134 -18.09 2.35 5.87
C THR A 134 -18.68 3.33 6.90
N ALA A 135 -19.56 2.87 7.78
CA ALA A 135 -20.19 3.75 8.79
C ALA A 135 -19.54 3.41 10.11
N ALA A 136 -19.12 4.44 10.84
CA ALA A 136 -18.29 4.21 12.03
C ALA A 136 -19.04 3.83 13.30
N ASP A 137 -20.35 4.11 13.35
CA ASP A 137 -21.16 3.93 14.57
C ASP A 137 -22.62 3.79 14.18
N MET A 138 -23.53 3.62 15.16
CA MET A 138 -24.91 3.34 14.82
C MET A 138 -25.60 4.50 14.13
N ALA A 139 -25.30 5.72 14.57
CA ALA A 139 -25.91 6.88 13.93
C ALA A 139 -25.50 6.98 12.45
N ALA A 140 -24.27 6.61 12.13
CA ALA A 140 -23.84 6.62 10.73
C ALA A 140 -24.44 5.51 9.89
N GLN A 141 -24.87 4.40 10.52
CA GLN A 141 -25.66 3.43 9.77
C GLN A 141 -26.94 4.02 9.25
N THR A 142 -27.61 4.89 10.05
CA THR A 142 -28.79 5.59 9.56
C THR A 142 -28.50 6.39 8.27
N THR A 143 -27.42 7.17 8.30
CA THR A 143 -27.00 7.90 7.08
C THR A 143 -26.71 6.91 5.93
N LYS A 144 -26.03 5.81 6.27
CA LYS A 144 -25.76 4.81 5.24
C LYS A 144 -27.05 4.31 4.58
N HIS A 145 -28.10 4.04 5.36
CA HIS A 145 -29.29 3.50 4.74
C HIS A 145 -29.93 4.57 3.85
N LYS A 146 -29.90 5.81 4.37
CA LYS A 146 -30.47 6.87 3.56
C LYS A 146 -29.71 7.17 2.26
N TRP A 147 -28.40 7.08 2.37
CA TRP A 147 -27.58 7.36 1.19
C TRP A 147 -27.60 6.19 0.19
N GLU A 148 -27.76 4.94 0.67
CA GLU A 148 -27.94 3.81 -0.23
C GLU A 148 -29.27 3.93 -0.95
N ALA A 149 -30.34 4.28 -0.22
CA ALA A 149 -31.64 4.41 -0.88
C ALA A 149 -31.63 5.57 -1.90
N ALA A 150 -30.79 6.59 -1.69
CA ALA A 150 -30.73 7.73 -2.62
C ALA A 150 -29.67 7.61 -3.71
N HIS A 151 -28.95 6.48 -3.71
CA HIS A 151 -27.93 6.17 -4.76
C HIS A 151 -26.82 7.23 -4.80
N VAL A 152 -26.39 7.65 -3.60
CA VAL A 152 -25.34 8.66 -3.47
C VAL A 152 -24.00 8.15 -4.01
N ALA A 153 -23.68 6.88 -3.75
CA ALA A 153 -22.35 6.38 -4.16
C ALA A 153 -22.20 6.39 -5.68
N GLU A 154 -23.24 6.01 -6.42
CA GLU A 154 -23.23 6.10 -7.87
C GLU A 154 -22.94 7.53 -8.38
N GLN A 155 -23.48 8.54 -7.70
CA GLN A 155 -23.29 9.94 -8.12
C GLN A 155 -21.86 10.38 -7.79
N LEU A 156 -21.43 10.05 -6.57
CA LEU A 156 -20.05 10.38 -6.19
C LEU A 156 -19.00 9.68 -7.07
N ARG A 157 -19.20 8.41 -7.33
CA ARG A 157 -18.26 7.66 -8.21
C ARG A 157 -18.10 8.33 -9.57
N ALA A 158 -19.22 8.74 -10.16
CA ALA A 158 -19.17 9.45 -11.42
C ALA A 158 -18.35 10.74 -11.40
N TYR A 159 -18.56 11.53 -10.35
CA TYR A 159 -17.73 12.73 -10.12
C TYR A 159 -16.25 12.42 -9.90
N LEU A 160 -15.96 11.50 -8.99
CA LEU A 160 -14.60 11.20 -8.61
C LEU A 160 -13.79 10.54 -9.73
N GLU A 161 -14.40 9.68 -10.54
CA GLU A 161 -13.67 9.00 -11.60
C GLU A 161 -13.62 9.79 -12.89
N GLY A 162 -14.47 10.81 -13.02
CA GLY A 162 -14.63 11.53 -14.28
C GLY A 162 -14.23 12.99 -14.08
N THR A 163 -15.19 13.80 -13.67
CA THR A 163 -15.06 15.24 -13.49
C THR A 163 -13.88 15.67 -12.62
N CYS A 164 -13.66 14.98 -11.52
CA CYS A 164 -12.59 15.40 -10.59
C CYS A 164 -11.22 15.27 -11.30
N VAL A 165 -11.04 14.15 -11.99
CA VAL A 165 -9.82 13.84 -12.73
C VAL A 165 -9.61 14.77 -13.91
N GLU A 166 -10.70 15.09 -14.63
CA GLU A 166 -10.58 16.02 -15.76
C GLU A 166 -10.12 17.43 -15.34
N TRP A 167 -10.68 17.90 -14.22
CA TRP A 167 -10.30 19.22 -13.71
C TRP A 167 -8.91 19.24 -13.09
N LEU A 168 -8.54 18.16 -12.39
CA LEU A 168 -7.14 18.03 -11.92
C LEU A 168 -6.14 18.15 -13.08
N ARG A 169 -6.40 17.47 -14.19
CA ARG A 169 -5.52 17.54 -15.36
C ARG A 169 -5.47 18.92 -15.96
N ARG A 170 -6.61 19.58 -16.00
CA ARG A 170 -6.64 20.96 -16.46
C ARG A 170 -5.79 21.87 -15.54
N TYR A 171 -5.91 21.68 -14.23
CA TYR A 171 -5.16 22.52 -13.31
C TYR A 171 -3.65 22.23 -13.38
N LEU A 172 -3.29 20.95 -13.49
CA LEU A 172 -1.89 20.58 -13.61
C LEU A 172 -1.23 21.20 -14.85
N GLU A 173 -1.99 21.32 -15.95
CA GLU A 173 -1.53 21.94 -17.19
C GLU A 173 -1.43 23.46 -17.05
N ASN A 174 -2.49 24.09 -16.57
CA ASN A 174 -2.52 25.55 -16.44
C ASN A 174 -1.58 26.10 -15.38
N GLY A 175 -1.38 25.29 -14.34
CA GLY A 175 -0.54 25.69 -13.22
C GLY A 175 0.79 24.98 -13.23
N LYS A 176 1.25 24.58 -14.41
CA LYS A 176 2.42 23.70 -14.52
C LYS A 176 3.69 24.20 -13.81
N GLU A 177 4.00 25.49 -13.94
CA GLU A 177 5.17 26.11 -13.29
C GLU A 177 5.17 25.87 -11.77
N THR A 178 4.01 26.00 -11.14
CA THR A 178 3.83 25.81 -9.68
C THR A 178 3.62 24.35 -9.33
N LEU A 179 2.74 23.68 -10.07
CA LEU A 179 2.27 22.37 -9.65
C LEU A 179 3.15 21.22 -10.09
N GLN A 180 3.79 21.34 -11.26
CA GLN A 180 4.62 20.28 -11.73
C GLN A 180 6.05 20.67 -11.49
N ARG A 181 6.36 21.18 -10.31
CA ARG A 181 7.74 21.37 -9.98
C ARG A 181 8.11 20.45 -8.85
N THR A 182 9.40 20.26 -8.69
CA THR A 182 9.86 19.68 -7.46
C THR A 182 11.01 20.55 -6.98
N ASP A 183 10.96 20.95 -5.71
CA ASP A 183 12.06 21.71 -5.17
C ASP A 183 12.71 20.76 -4.15
N ALA A 184 13.93 20.30 -4.46
CA ALA A 184 14.67 19.43 -3.50
C ALA A 184 15.03 20.18 -2.19
N PRO A 185 15.02 19.48 -1.05
CA PRO A 185 15.36 20.13 0.23
C PRO A 185 16.81 20.57 0.26
N LYS A 186 16.99 21.75 0.83
CA LYS A 186 18.32 22.21 1.24
C LYS A 186 18.55 21.74 2.65
N THR A 187 19.57 20.88 2.84
CA THR A 187 19.72 20.22 4.16
C THR A 187 20.96 20.61 4.92
N HIS A 188 20.86 20.55 6.27
CA HIS A 188 22.04 20.70 7.11
C HIS A 188 21.71 20.17 8.48
N MET A 189 22.74 20.02 9.31
CA MET A 189 22.47 19.66 10.68
C MET A 189 23.05 20.74 11.60
N THR A 190 22.43 20.95 12.77
CA THR A 190 23.03 21.87 13.75
C THR A 190 23.35 21.10 15.03
N HIS A 191 24.28 21.67 15.78
CA HIS A 191 24.80 21.07 17.00
C HIS A 191 24.82 22.10 18.11
N HIS A 192 24.14 21.83 19.24
CA HIS A 192 24.21 22.77 20.39
C HIS A 192 24.30 22.03 21.70
N ALA A 193 25.30 22.34 22.50
CA ALA A 193 25.45 21.73 23.82
C ALA A 193 24.22 22.08 24.67
N VAL A 194 23.68 21.13 25.44
CA VAL A 194 22.63 21.49 26.38
C VAL A 194 23.20 21.48 27.78
N SER A 195 24.29 20.75 27.94
CA SER A 195 25.02 20.73 29.19
C SER A 195 26.48 20.39 28.88
N ASP A 196 27.31 20.17 29.91
CA ASP A 196 28.71 19.80 29.64
C ASP A 196 28.85 18.36 29.17
N HIS A 197 27.75 17.62 29.12
CA HIS A 197 27.84 16.24 28.73
C HIS A 197 26.84 15.79 27.69
N GLU A 198 25.96 16.69 27.19
CA GLU A 198 25.01 16.30 26.14
C GLU A 198 24.83 17.39 25.12
N ALA A 199 24.49 17.00 23.91
CA ALA A 199 24.29 17.95 22.82
C ALA A 199 23.00 17.64 22.08
N THR A 200 22.30 18.65 21.55
CA THR A 200 21.17 18.43 20.66
C THR A 200 21.67 18.42 19.23
N LEU A 201 21.34 17.36 18.48
CA LEU A 201 21.67 17.31 17.05
C LEU A 201 20.35 17.52 16.30
N ARG A 202 20.27 18.47 15.37
CA ARG A 202 19.03 18.71 14.70
C ARG A 202 19.27 18.67 13.20
N CYS A 203 18.53 17.82 12.52
CA CYS A 203 18.63 17.67 11.09
C CYS A 203 17.54 18.50 10.42
N TRP A 204 17.92 19.34 9.47
CA TRP A 204 17.00 20.32 8.85
C TRP A 204 16.83 20.03 7.36
N ALA A 205 15.58 20.24 6.90
CA ALA A 205 15.25 20.23 5.51
C ALA A 205 14.48 21.52 5.24
N LEU A 206 14.97 22.36 4.33
CA LEU A 206 14.32 23.62 4.01
C LEU A 206 13.99 23.75 2.53
N SER A 207 12.98 24.57 2.26
CA SER A 207 12.68 25.02 0.89
C SER A 207 12.30 23.91 -0.08
N PHE A 208 11.57 22.90 0.40
CA PHE A 208 11.22 21.77 -0.46
C PHE A 208 9.74 21.82 -0.89
N TYR A 209 9.47 21.15 -2.00
CA TYR A 209 8.14 20.96 -2.48
C TYR A 209 8.16 19.72 -3.38
N PRO A 210 7.13 18.82 -3.28
CA PRO A 210 5.94 18.80 -2.41
C PRO A 210 6.28 18.56 -0.97
N ALA A 211 5.27 18.53 -0.12
CA ALA A 211 5.53 18.48 1.33
C ALA A 211 6.05 17.11 1.83
N GLU A 212 5.81 16.04 1.08
CA GLU A 212 6.13 14.70 1.59
C GLU A 212 7.62 14.57 1.69
N ILE A 213 8.12 14.10 2.83
CA ILE A 213 9.54 13.96 3.05
C ILE A 213 9.72 13.02 4.25
N THR A 214 10.87 12.36 4.30
CA THR A 214 11.19 11.54 5.48
C THR A 214 12.55 11.97 6.03
N LEU A 215 12.63 12.22 7.35
CA LEU A 215 13.89 12.56 8.02
C LEU A 215 14.01 11.54 9.11
N THR A 216 15.16 10.90 9.21
CA THR A 216 15.38 9.93 10.29
C THR A 216 16.81 10.01 10.80
N TRP A 217 16.99 9.66 12.06
CA TRP A 217 18.33 9.55 12.65
C TRP A 217 18.71 8.10 12.82
N GLN A 218 20.00 7.79 12.61
CA GLN A 218 20.53 6.49 12.98
C GLN A 218 21.71 6.64 13.88
N ARG A 219 21.91 5.65 14.76
CA ARG A 219 23.10 5.59 15.62
C ARG A 219 23.82 4.30 15.27
N ASP A 220 25.03 4.38 14.70
CA ASP A 220 25.74 3.15 14.13
C ASP A 220 24.85 2.39 13.16
N GLY A 221 24.07 3.11 12.37
CA GLY A 221 23.15 2.44 11.44
C GLY A 221 21.82 1.94 12.00
N GLU A 222 21.61 2.03 13.31
CA GLU A 222 20.33 1.63 13.89
C GLU A 222 19.36 2.81 14.06
N ASP A 223 18.10 2.62 13.67
CA ASP A 223 17.15 3.73 13.73
C ASP A 223 16.90 4.16 15.19
N GLN A 224 16.81 5.46 15.39
CA GLN A 224 16.59 6.04 16.72
C GLN A 224 15.18 6.64 16.86
N THR A 225 14.18 5.92 16.34
CA THR A 225 12.80 6.41 16.24
C THR A 225 12.23 6.91 17.57
N GLN A 226 12.39 6.10 18.62
CA GLN A 226 11.84 6.45 19.93
C GLN A 226 12.52 7.63 20.61
N ASP A 227 13.75 7.94 20.21
CA ASP A 227 14.46 9.05 20.81
C ASP A 227 14.49 10.26 19.93
N THR A 228 13.76 10.22 18.82
CA THR A 228 13.79 11.37 17.90
C THR A 228 12.60 12.31 18.14
N GLU A 229 12.83 13.63 18.17
CA GLU A 229 11.71 14.56 18.14
C GLU A 229 11.56 15.00 16.70
N LEU A 230 10.42 14.70 16.12
CA LEU A 230 10.14 15.04 14.74
C LEU A 230 8.99 16.01 14.66
N VAL A 231 9.21 17.23 14.12
CA VAL A 231 8.09 18.20 14.09
C VAL A 231 7.26 18.04 12.84
N GLU A 232 6.03 18.56 12.91
CA GLU A 232 5.14 18.51 11.76
C GLU A 232 5.73 19.35 10.62
N THR A 233 5.67 18.83 9.39
CA THR A 233 6.09 19.63 8.24
C THR A 233 5.27 20.92 8.18
N ARG A 234 5.96 22.06 7.98
CA ARG A 234 5.34 23.37 8.10
C ARG A 234 5.61 24.20 6.88
N PRO A 235 4.66 25.08 6.54
CA PRO A 235 4.84 25.92 5.39
C PRO A 235 5.78 27.07 5.67
N ALA A 236 6.60 27.43 4.69
CA ALA A 236 7.48 28.58 4.84
C ALA A 236 6.67 29.86 4.51
N GLY A 237 5.60 29.72 3.71
CA GLY A 237 4.70 30.83 3.38
C GLY A 237 4.87 31.23 1.92
N ASP A 238 5.89 30.68 1.29
CA ASP A 238 6.25 30.99 -0.12
C ASP A 238 5.96 29.85 -1.09
N GLY A 239 5.30 28.81 -0.60
CA GLY A 239 4.97 27.68 -1.48
C GLY A 239 5.88 26.49 -1.24
N THR A 240 6.85 26.63 -0.36
CA THR A 240 7.74 25.51 0.01
C THR A 240 7.57 25.17 1.48
N PHE A 241 8.19 24.08 1.91
CA PHE A 241 7.98 23.53 3.27
C PHE A 241 9.29 23.35 4.00
N GLN A 242 9.21 23.11 5.31
CA GLN A 242 10.38 22.95 6.18
C GLN A 242 10.04 21.83 7.14
N LYS A 243 11.08 21.20 7.66
CA LYS A 243 10.89 20.15 8.70
C LYS A 243 12.23 19.91 9.36
N TRP A 244 12.19 19.49 10.60
CA TRP A 244 13.40 19.08 11.31
C TRP A 244 13.11 17.88 12.21
N ALA A 245 14.22 17.18 12.53
CA ALA A 245 14.23 16.04 13.46
C ALA A 245 15.40 16.23 14.42
N ALA A 246 15.21 15.96 15.69
CA ALA A 246 16.33 16.10 16.61
C ALA A 246 16.51 14.95 17.56
N VAL A 247 17.75 14.80 18.02
CA VAL A 247 18.09 13.81 19.07
C VAL A 247 18.99 14.50 20.06
N VAL A 248 18.97 14.05 21.32
CA VAL A 248 19.90 14.56 22.34
C VAL A 248 20.87 13.43 22.63
N VAL A 249 22.17 13.67 22.46
CA VAL A 249 23.18 12.62 22.51
C VAL A 249 24.28 12.97 23.49
N PRO A 250 24.97 11.96 24.00
CA PRO A 250 26.12 12.28 24.83
C PRO A 250 27.23 12.92 24.01
N SER A 251 27.83 13.97 24.56
CA SER A 251 28.94 14.65 23.90
C SER A 251 30.08 13.67 23.66
N GLY A 252 30.64 13.73 22.46
CA GLY A 252 31.72 12.82 22.11
C GLY A 252 31.20 11.70 21.21
N GLN A 253 29.89 11.48 21.18
CA GLN A 253 29.32 10.41 20.35
C GLN A 253 28.75 10.88 19.02
N GLU A 254 29.00 12.14 18.67
CA GLU A 254 28.34 12.72 17.48
C GLU A 254 28.60 11.91 16.23
N GLN A 255 29.81 11.40 16.07
CA GLN A 255 30.17 10.71 14.86
C GLN A 255 29.44 9.38 14.67
N ARG A 256 28.79 8.86 15.73
CA ARG A 256 27.96 7.65 15.57
C ARG A 256 26.61 7.97 14.91
N TYR A 257 26.25 9.24 14.83
CA TYR A 257 24.89 9.63 14.43
C TYR A 257 24.87 10.21 13.03
N THR A 258 23.88 9.78 12.26
CA THR A 258 23.70 10.21 10.86
C THR A 258 22.24 10.55 10.66
N CYS A 259 21.96 11.59 9.86
CA CYS A 259 20.60 11.91 9.48
C CYS A 259 20.37 11.57 8.01
N HIS A 260 19.18 11.09 7.73
CA HIS A 260 18.90 10.53 6.43
C HIS A 260 17.66 11.24 5.90
N VAL A 261 17.77 11.78 4.69
CA VAL A 261 16.69 12.56 4.11
C VAL A 261 16.23 11.93 2.78
N GLN A 262 14.92 11.69 2.64
CA GLN A 262 14.36 11.20 1.38
C GLN A 262 13.31 12.19 0.89
N HIS A 263 13.37 12.51 -0.40
CA HIS A 263 12.44 13.46 -0.99
C HIS A 263 12.47 13.22 -2.47
N GLU A 264 11.33 13.41 -3.12
CA GLU A 264 11.24 13.13 -4.54
C GLU A 264 12.13 14.00 -5.43
N GLY A 265 12.54 15.16 -4.92
CA GLY A 265 13.47 16.02 -5.63
C GLY A 265 14.94 15.71 -5.56
N LEU A 266 15.30 14.79 -4.67
CA LEU A 266 16.66 14.34 -4.60
C LEU A 266 16.92 13.24 -5.62
N PRO A 267 18.04 13.35 -6.35
CA PRO A 267 18.45 12.23 -7.21
C PRO A 267 18.74 10.96 -6.42
N LYS A 268 19.26 11.10 -5.20
CA LYS A 268 19.54 9.97 -4.33
C LYS A 268 19.22 10.43 -2.90
N PRO A 269 18.72 9.53 -2.02
CA PRO A 269 18.61 9.95 -0.61
C PRO A 269 19.95 10.41 0.01
N LEU A 270 19.85 11.40 0.87
CA LEU A 270 21.08 11.97 1.43
C LEU A 270 21.34 11.40 2.79
N THR A 271 22.61 11.16 3.07
CA THR A 271 23.04 10.89 4.44
C THR A 271 23.95 12.03 4.88
N LEU A 272 23.59 12.67 6.01
CA LEU A 272 24.39 13.79 6.56
C LEU A 272 25.16 13.27 7.76
N ARG A 273 26.41 13.66 7.91
CA ARG A 273 27.35 13.07 8.89
C ARG A 273 28.03 14.15 9.69
N TRP A 274 28.61 13.78 10.83
CA TRP A 274 29.37 14.70 11.66
C TRP A 274 30.85 14.45 11.51
N GLU A 275 31.25 13.73 10.46
CA GLU A 275 32.67 13.45 10.20
C GLU A 275 32.82 13.45 8.70
N MET B 1 -16.09 14.59 24.41
CA MET B 1 -15.85 15.03 23.02
C MET B 1 -14.34 15.06 22.78
N ILE B 2 -13.91 14.70 21.58
CA ILE B 2 -12.52 14.72 21.23
C ILE B 2 -11.95 16.11 21.32
N GLN B 3 -10.80 16.21 21.98
CA GLN B 3 -10.00 17.42 21.94
C GLN B 3 -8.56 17.03 21.65
N ARG B 4 -7.90 17.84 20.81
CA ARG B 4 -6.53 17.60 20.49
C ARG B 4 -5.79 18.91 20.61
N THR B 5 -4.62 18.84 21.23
CA THR B 5 -3.84 20.04 21.55
C THR B 5 -3.06 20.57 20.34
N PRO B 6 -3.03 21.90 20.12
CA PRO B 6 -2.19 22.45 19.06
C PRO B 6 -0.72 22.23 19.32
N LYS B 7 -0.05 21.91 18.23
CA LYS B 7 1.39 21.82 18.21
C LYS B 7 1.84 23.13 17.58
N ILE B 8 2.58 23.93 18.32
CA ILE B 8 2.91 25.29 17.92
C ILE B 8 4.37 25.45 17.51
N GLN B 9 4.60 26.01 16.33
CA GLN B 9 5.98 26.26 15.90
C GLN B 9 6.11 27.73 15.51
N VAL B 10 7.18 28.40 15.93
CA VAL B 10 7.41 29.82 15.62
C VAL B 10 8.76 29.90 14.92
N TYR B 11 8.77 30.49 13.72
CA TYR B 11 9.98 30.39 12.88
C TYR B 11 9.93 31.43 11.78
N SER B 12 11.07 31.69 11.17
CA SER B 12 11.10 32.65 10.09
C SER B 12 11.03 31.91 8.76
N ARG B 13 10.52 32.61 7.73
CA ARG B 13 10.50 32.00 6.39
C ARG B 13 11.88 31.68 5.81
N HIS B 14 12.82 32.63 5.94
CA HIS B 14 14.18 32.52 5.46
C HIS B 14 15.12 32.57 6.66
N PRO B 15 16.35 32.04 6.53
CA PRO B 15 17.33 32.16 7.63
C PRO B 15 17.47 33.62 8.02
N ALA B 16 17.37 33.92 9.32
CA ALA B 16 17.34 35.31 9.78
C ALA B 16 18.66 36.03 9.75
N GLU B 17 18.65 37.27 9.27
CA GLU B 17 19.83 38.10 9.25
C GLU B 17 19.34 39.46 9.72
N ASN B 18 19.96 40.02 10.76
CA ASN B 18 19.54 41.30 11.34
C ASN B 18 19.56 42.38 10.28
N GLY B 19 18.43 43.07 10.12
CA GLY B 19 18.37 44.18 9.17
C GLY B 19 17.83 43.81 7.81
N LYS B 20 17.58 42.52 7.60
CA LYS B 20 17.04 42.02 6.35
C LYS B 20 15.59 41.60 6.54
N SER B 21 14.69 42.15 5.72
CA SER B 21 13.26 41.83 5.80
C SER B 21 12.99 40.33 5.59
N ASN B 22 11.96 39.84 6.25
CA ASN B 22 11.74 38.39 6.33
C ASN B 22 10.26 38.25 6.74
N PHE B 23 9.83 37.04 6.98
CA PHE B 23 8.49 36.81 7.52
C PHE B 23 8.57 35.98 8.76
N LEU B 24 7.76 36.33 9.76
CA LEU B 24 7.66 35.56 10.99
C LEU B 24 6.39 34.75 10.94
N ASN B 25 6.52 33.44 11.15
CA ASN B 25 5.42 32.48 11.05
C ASN B 25 5.10 31.89 12.38
N CYS B 26 3.80 31.69 12.69
CA CYS B 26 3.41 30.81 13.79
C CYS B 26 2.49 29.76 13.14
N TYR B 27 2.90 28.52 13.10
CA TYR B 27 2.09 27.44 12.52
C TYR B 27 1.55 26.62 13.67
N VAL B 28 0.24 26.45 13.67
CA VAL B 28 -0.41 25.65 14.71
C VAL B 28 -1.07 24.48 13.98
N SER B 29 -0.85 23.31 14.49
CA SER B 29 -1.40 22.14 13.73
C SER B 29 -1.85 21.09 14.69
N GLY B 30 -2.63 20.15 14.19
CA GLY B 30 -3.00 19.02 15.02
C GLY B 30 -4.06 19.26 16.10
N PHE B 31 -4.84 20.35 15.97
CA PHE B 31 -5.79 20.69 17.05
C PHE B 31 -7.22 20.33 16.67
N HIS B 32 -8.03 20.13 17.69
CA HIS B 32 -9.47 19.98 17.52
C HIS B 32 -10.09 20.35 18.87
N PRO B 33 -11.21 21.11 18.90
CA PRO B 33 -11.95 21.73 17.79
C PRO B 33 -11.25 22.95 17.23
N SER B 34 -11.91 23.61 16.29
CA SER B 34 -11.21 24.58 15.44
C SER B 34 -11.03 25.95 16.08
N ASP B 35 -11.80 26.25 17.12
CA ASP B 35 -11.74 27.60 17.75
C ASP B 35 -10.39 27.73 18.44
N ILE B 36 -9.64 28.75 18.05
CA ILE B 36 -8.27 28.93 18.56
C ILE B 36 -7.92 30.41 18.49
N GLU B 37 -7.17 30.89 19.48
CA GLU B 37 -6.70 32.28 19.45
C GLU B 37 -5.22 32.24 19.28
N VAL B 38 -4.67 32.94 18.28
CA VAL B 38 -3.22 32.97 18.00
C VAL B 38 -2.81 34.42 17.79
N ASP B 39 -1.83 34.87 18.57
CA ASP B 39 -1.28 36.22 18.37
C ASP B 39 0.21 36.15 18.24
N LEU B 40 0.78 36.97 17.37
CA LEU B 40 2.22 37.07 17.27
C LEU B 40 2.56 38.25 18.18
N LEU B 41 3.64 38.07 18.95
CA LEU B 41 4.08 39.12 19.90
C LEU B 41 5.47 39.67 19.57
N LYS B 42 5.67 40.97 19.81
CA LYS B 42 6.98 41.60 19.69
C LYS B 42 7.24 42.27 21.01
N ASN B 43 8.32 41.89 21.69
CA ASN B 43 8.65 42.37 23.03
C ASN B 43 7.46 42.29 24.00
N GLY B 44 6.75 41.18 23.86
CA GLY B 44 5.53 40.87 24.62
C GLY B 44 4.26 41.62 24.27
N GLU B 45 4.26 42.45 23.22
CA GLU B 45 3.05 43.15 22.80
C GLU B 45 2.50 42.57 21.52
N ARG B 46 1.18 42.54 21.40
CA ARG B 46 0.52 41.99 20.22
C ARG B 46 0.82 42.80 18.96
N ILE B 47 1.20 42.08 17.90
CA ILE B 47 1.46 42.69 16.60
C ILE B 47 0.13 42.81 15.85
N GLU B 48 -0.16 44.00 15.32
CA GLU B 48 -1.44 44.23 14.65
C GLU B 48 -1.50 43.75 13.20
N LYS B 49 -0.36 43.77 12.53
CA LYS B 49 -0.31 43.53 11.08
C LYS B 49 -0.27 42.03 10.75
N VAL B 50 -1.19 41.21 11.28
CA VAL B 50 -1.03 39.74 11.14
C VAL B 50 -2.05 39.05 10.22
N GLU B 51 -1.58 38.27 9.23
CA GLU B 51 -2.49 37.57 8.32
C GLU B 51 -2.57 36.12 8.70
N HIS B 52 -3.58 35.41 8.22
CA HIS B 52 -3.58 33.96 8.44
C HIS B 52 -4.18 33.22 7.27
N SER B 53 -3.86 31.93 7.21
CA SER B 53 -4.36 31.05 6.18
C SER B 53 -5.79 30.65 6.44
N ASP B 54 -6.42 30.08 5.42
CA ASP B 54 -7.77 29.58 5.53
C ASP B 54 -7.78 28.23 6.23
N LEU B 55 -8.76 28.04 7.11
CA LEU B 55 -8.81 26.84 7.95
C LEU B 55 -8.89 25.57 7.09
N SER B 56 -7.96 24.63 7.33
CA SER B 56 -7.98 23.36 6.64
C SER B 56 -7.63 22.28 7.66
N PHE B 57 -7.65 21.03 7.21
CA PHE B 57 -7.36 19.94 8.12
C PHE B 57 -6.64 18.77 7.44
N SER B 58 -6.02 17.93 8.29
CA SER B 58 -5.23 16.82 7.79
C SER B 58 -6.05 15.57 7.68
N LYS B 59 -5.40 14.48 7.25
CA LYS B 59 -6.09 13.21 7.08
C LYS B 59 -6.74 12.63 8.34
N ASP B 60 -6.22 13.03 9.50
CA ASP B 60 -6.76 12.60 10.79
C ASP B 60 -7.81 13.54 11.38
N TRP B 61 -8.25 14.46 10.53
CA TRP B 61 -9.29 15.45 10.85
C TRP B 61 -8.78 16.64 11.65
N SER B 62 -7.53 16.61 12.13
CA SER B 62 -7.10 17.75 12.96
C SER B 62 -6.78 19.00 12.11
N PHE B 63 -7.07 20.17 12.68
CA PHE B 63 -6.92 21.39 11.95
C PHE B 63 -5.50 21.96 11.92
N TYR B 64 -5.27 22.81 10.93
CA TYR B 64 -4.00 23.54 10.88
C TYR B 64 -4.20 24.95 10.34
N LEU B 65 -3.39 25.89 10.84
CA LEU B 65 -3.48 27.33 10.45
C LEU B 65 -2.08 27.91 10.51
N LEU B 66 -1.74 28.77 9.56
CA LEU B 66 -0.51 29.57 9.61
C LEU B 66 -0.85 31.02 9.85
N TYR B 67 -0.21 31.64 10.84
CA TYR B 67 -0.29 33.10 11.10
C TYR B 67 1.06 33.69 10.74
N TYR B 68 1.06 34.82 10.05
CA TYR B 68 2.33 35.33 9.51
C TYR B 68 2.32 36.84 9.40
N THR B 69 3.49 37.44 9.44
CA THR B 69 3.63 38.89 9.30
C THR B 69 5.03 39.18 8.80
N GLU B 70 5.16 40.28 8.06
CA GLU B 70 6.46 40.66 7.56
C GLU B 70 7.18 41.25 8.76
N PHE B 71 8.49 41.00 8.88
CA PHE B 71 9.27 41.63 9.93
C PHE B 71 10.73 41.75 9.56
N THR B 72 11.43 42.61 10.26
CA THR B 72 12.88 42.75 10.09
C THR B 72 13.54 42.50 11.44
N PRO B 73 14.25 41.36 11.58
CA PRO B 73 14.87 40.97 12.84
C PRO B 73 15.97 41.91 13.23
N THR B 74 16.14 42.06 14.54
CA THR B 74 17.26 42.81 15.09
C THR B 74 17.84 41.99 16.22
N GLU B 75 18.91 42.49 16.82
CA GLU B 75 19.57 41.84 17.94
C GLU B 75 18.66 41.80 19.16
N LYS B 76 18.04 42.95 19.43
CA LYS B 76 17.34 43.19 20.67
C LYS B 76 15.87 42.74 20.69
N ASP B 77 15.20 42.67 19.54
CA ASP B 77 13.76 42.40 19.56
C ASP B 77 13.44 40.94 19.75
N GLU B 78 12.55 40.66 20.69
CA GLU B 78 12.12 39.31 21.02
C GLU B 78 10.75 39.05 20.42
N TYR B 79 10.61 37.94 19.70
CA TYR B 79 9.35 37.55 19.06
C TYR B 79 8.78 36.27 19.64
N ALA B 80 7.44 36.15 19.62
CA ALA B 80 6.81 34.95 20.21
C ALA B 80 5.46 34.75 19.61
N CYS B 81 4.85 33.61 19.93
CA CYS B 81 3.48 33.38 19.52
C CYS B 81 2.72 32.93 20.73
N ARG B 82 1.54 33.50 20.94
CA ARG B 82 0.70 33.22 22.10
C ARG B 82 -0.54 32.52 21.59
N VAL B 83 -0.81 31.30 22.10
CA VAL B 83 -1.94 30.49 21.63
C VAL B 83 -2.85 30.06 22.77
N ASN B 84 -4.16 30.22 22.60
CA ASN B 84 -5.13 29.67 23.55
C ASN B 84 -6.10 28.78 22.81
N HIS B 85 -6.58 27.76 23.50
CA HIS B 85 -7.39 26.71 22.93
C HIS B 85 -7.98 25.97 24.10
N VAL B 86 -9.08 25.25 23.90
CA VAL B 86 -9.73 24.56 25.03
C VAL B 86 -8.83 23.58 25.78
N THR B 87 -7.86 23.00 25.05
CA THR B 87 -6.95 21.98 25.63
C THR B 87 -5.86 22.57 26.50
N LEU B 88 -5.71 23.90 26.48
CA LEU B 88 -4.65 24.57 27.25
C LEU B 88 -5.23 25.28 28.44
N SER B 89 -4.71 25.02 29.63
CA SER B 89 -5.34 25.57 30.83
C SER B 89 -5.04 27.07 30.96
N GLN B 90 -3.95 27.53 30.36
CA GLN B 90 -3.69 28.97 30.22
C GLN B 90 -3.07 29.13 28.83
N PRO B 91 -3.12 30.36 28.23
CA PRO B 91 -2.39 30.64 26.98
C PRO B 91 -0.93 30.22 27.06
N LYS B 92 -0.45 29.62 25.98
CA LYS B 92 0.90 29.11 25.89
C LYS B 92 1.67 30.08 25.01
N ILE B 93 2.85 30.46 25.48
CA ILE B 93 3.73 31.33 24.71
C ILE B 93 4.96 30.55 24.24
N VAL B 94 5.17 30.54 22.94
CA VAL B 94 6.38 29.90 22.38
C VAL B 94 7.25 31.02 21.81
N LYS B 95 8.49 31.10 22.27
CA LYS B 95 9.44 32.12 21.78
C LYS B 95 10.14 31.71 20.51
N TRP B 96 10.37 32.69 19.62
CA TRP B 96 11.18 32.46 18.44
C TRP B 96 12.61 32.31 18.85
N ASP B 97 13.20 31.20 18.45
CA ASP B 97 14.59 30.95 18.78
C ASP B 97 15.28 30.80 17.44
N ARG B 98 16.09 31.77 17.03
CA ARG B 98 16.69 31.73 15.70
C ARG B 98 17.89 30.78 15.60
N ASP B 99 18.30 30.18 16.70
CA ASP B 99 19.55 29.38 16.69
C ASP B 99 19.30 27.87 16.76
N MET B 100 18.14 27.47 16.31
CA MET B 100 17.79 26.05 16.29
C MET B 100 18.41 25.32 15.07
N LEU C 1 -15.84 21.55 -7.35
CA LEU C 1 -16.77 20.83 -6.41
C LEU C 1 -17.66 19.88 -7.12
N ALA C 2 -18.15 18.90 -6.38
CA ALA C 2 -19.19 18.02 -6.91
C ALA C 2 -20.53 18.77 -7.00
N GLY C 3 -21.18 18.62 -8.15
CA GLY C 3 -22.50 19.19 -8.33
C GLY C 3 -23.63 18.21 -8.10
N ILE C 4 -23.28 16.94 -7.86
CA ILE C 4 -24.26 15.89 -7.52
C ILE C 4 -23.67 15.06 -6.38
N GLY C 5 -24.53 14.45 -5.57
CA GLY C 5 -24.07 13.42 -4.65
C GLY C 5 -23.71 13.95 -3.28
N ILE C 6 -23.93 15.24 -3.09
CA ILE C 6 -23.66 15.89 -1.80
C ILE C 6 -24.98 16.15 -1.07
N LEU C 7 -25.32 15.21 -0.22
CA LEU C 7 -26.62 15.20 0.43
C LEU C 7 -26.49 15.42 1.90
N THR C 8 -27.62 15.76 2.49
CA THR C 8 -27.71 15.84 3.95
C THR C 8 -27.56 14.43 4.54
N VAL C 9 -26.91 14.35 5.71
CA VAL C 9 -26.76 13.07 6.44
C VAL C 9 -28.08 12.58 7.10
N GLY D 1 -7.84 -2.83 -1.25
CA GLY D 1 -7.00 -3.23 -0.09
C GLY D 1 -5.54 -3.19 -0.51
N SER D 2 -4.68 -3.97 0.15
CA SER D 2 -3.27 -4.05 -0.25
C SER D 2 -3.02 -4.87 -1.52
N HIS D 3 -1.91 -4.58 -2.19
CA HIS D 3 -1.58 -5.26 -3.44
C HIS D 3 -0.11 -5.52 -3.51
N SER D 4 0.28 -6.50 -4.30
CA SER D 4 1.69 -6.85 -4.45
C SER D 4 2.09 -7.11 -5.90
N MET D 5 3.35 -6.84 -6.23
CA MET D 5 3.95 -7.31 -7.49
C MET D 5 5.18 -8.11 -7.12
N ARG D 6 5.32 -9.27 -7.72
CA ARG D 6 6.46 -10.13 -7.42
C ARG D 6 7.02 -10.77 -8.68
N TYR D 7 8.36 -10.84 -8.76
CA TYR D 7 9.03 -11.54 -9.83
C TYR D 7 9.74 -12.72 -9.19
N PHE D 8 9.67 -13.87 -9.85
CA PHE D 8 10.27 -15.14 -9.41
C PHE D 8 11.21 -15.69 -10.51
N PHE D 9 12.43 -16.03 -10.12
CA PHE D 9 13.44 -16.54 -11.10
C PHE D 9 13.97 -17.83 -10.59
N THR D 10 14.10 -18.79 -11.50
CA THR D 10 14.69 -20.09 -11.20
C THR D 10 15.74 -20.43 -12.23
N SER D 11 16.95 -20.81 -11.75
CA SER D 11 17.94 -21.35 -12.69
C SER D 11 18.50 -22.60 -12.14
N VAL D 12 18.67 -23.52 -13.06
CA VAL D 12 19.01 -24.94 -12.78
C VAL D 12 20.17 -25.35 -13.66
N SER D 13 21.25 -25.75 -13.05
CA SER D 13 22.37 -26.24 -13.85
C SER D 13 22.10 -27.64 -14.38
N ARG D 14 22.61 -27.92 -15.55
CA ARG D 14 22.43 -29.26 -16.09
C ARG D 14 23.70 -29.68 -16.81
N PRO D 15 24.71 -30.10 -16.07
CA PRO D 15 26.05 -30.39 -16.64
C PRO D 15 26.00 -31.46 -17.74
N GLY D 16 26.54 -31.11 -18.92
CA GLY D 16 26.49 -31.97 -20.12
C GLY D 16 25.21 -31.90 -20.95
N ARG D 17 24.23 -31.17 -20.46
CA ARG D 17 22.94 -31.17 -21.10
C ARG D 17 22.58 -29.76 -21.47
N GLY D 18 23.58 -28.90 -21.62
CA GLY D 18 23.34 -27.52 -22.07
C GLY D 18 23.64 -26.42 -21.08
N GLU D 19 23.30 -25.20 -21.46
CA GLU D 19 23.36 -24.05 -20.58
C GLU D 19 22.26 -24.22 -19.53
N PRO D 20 22.42 -23.56 -18.38
CA PRO D 20 21.39 -23.72 -17.35
C PRO D 20 20.00 -23.32 -17.78
N ARG D 21 18.99 -24.05 -17.28
CA ARG D 21 17.59 -23.68 -17.53
C ARG D 21 17.35 -22.37 -16.76
N PHE D 22 16.65 -21.42 -17.37
CA PHE D 22 16.28 -20.22 -16.66
C PHE D 22 14.82 -19.93 -16.91
N ILE D 23 14.07 -19.75 -15.81
CA ILE D 23 12.62 -19.43 -15.96
C ILE D 23 12.29 -18.25 -15.10
N ALA D 24 11.63 -17.25 -15.67
CA ALA D 24 11.19 -16.07 -14.92
C ALA D 24 9.70 -15.89 -15.07
N VAL D 25 9.00 -15.56 -13.97
CA VAL D 25 7.57 -15.19 -14.03
C VAL D 25 7.29 -13.98 -13.16
N GLY D 26 6.29 -13.20 -13.56
CA GLY D 26 5.88 -12.03 -12.80
C GLY D 26 4.39 -12.19 -12.47
N TYR D 27 4.06 -11.77 -11.25
CA TYR D 27 2.69 -11.80 -10.75
C TYR D 27 2.27 -10.45 -10.20
N VAL D 28 1.00 -10.10 -10.39
CA VAL D 28 0.41 -9.06 -9.57
C VAL D 28 -0.61 -9.78 -8.66
N ASP D 29 -0.45 -9.67 -7.34
CA ASP D 29 -1.25 -10.47 -6.39
C ASP D 29 -1.16 -11.94 -6.83
N ASP D 30 -2.29 -12.61 -7.04
CA ASP D 30 -2.23 -14.03 -7.41
C ASP D 30 -2.45 -14.24 -8.92
N THR D 31 -2.14 -13.22 -9.74
CA THR D 31 -2.41 -13.29 -11.16
C THR D 31 -1.09 -13.13 -11.91
N GLN D 32 -0.73 -14.16 -12.68
CA GLN D 32 0.49 -14.15 -13.49
C GLN D 32 0.31 -13.19 -14.66
N PHE D 33 1.36 -12.43 -14.99
CA PHE D 33 1.22 -11.57 -16.18
C PHE D 33 2.34 -11.64 -17.22
N VAL D 34 3.50 -12.17 -16.84
CA VAL D 34 4.60 -12.33 -17.82
C VAL D 34 5.41 -13.60 -17.57
N ARG D 35 6.11 -14.07 -18.60
CA ARG D 35 7.07 -15.17 -18.42
C ARG D 35 8.21 -15.05 -19.37
N PHE D 36 9.32 -15.67 -19.00
CA PHE D 36 10.42 -15.96 -19.88
C PHE D 36 10.91 -17.38 -19.63
N ASP D 37 11.14 -18.14 -20.70
CA ASP D 37 11.71 -19.49 -20.58
C ASP D 37 12.89 -19.55 -21.51
N SER D 38 14.07 -19.81 -20.95
CA SER D 38 15.31 -20.01 -21.72
C SER D 38 15.25 -21.11 -22.78
N ASP D 39 14.40 -22.12 -22.60
CA ASP D 39 14.30 -23.18 -23.58
C ASP D 39 13.20 -22.94 -24.65
N ALA D 40 12.45 -21.85 -24.54
CA ALA D 40 11.42 -21.61 -25.54
C ALA D 40 12.02 -20.93 -26.77
N ALA D 41 11.24 -20.92 -27.85
CA ALA D 41 11.72 -20.48 -29.16
C ALA D 41 11.92 -18.98 -29.25
N SER D 42 11.04 -18.25 -28.57
CA SER D 42 10.93 -16.82 -28.85
C SER D 42 12.09 -16.03 -28.31
N GLN D 43 12.67 -16.47 -27.19
CA GLN D 43 13.71 -15.73 -26.50
C GLN D 43 13.29 -14.30 -26.12
N ARG D 44 11.99 -14.12 -25.85
CA ARG D 44 11.44 -12.84 -25.48
C ARG D 44 10.69 -12.99 -24.15
N MET D 45 10.60 -11.91 -23.38
CA MET D 45 9.59 -11.87 -22.32
C MET D 45 8.21 -11.88 -23.02
N GLU D 46 7.28 -12.69 -22.52
CA GLU D 46 5.99 -12.92 -23.22
C GLU D 46 4.83 -12.59 -22.27
N PRO D 47 3.73 -12.06 -22.80
CA PRO D 47 2.53 -11.75 -22.01
C PRO D 47 1.82 -13.01 -21.54
N ARG D 48 1.31 -13.01 -20.31
CA ARG D 48 0.49 -14.11 -19.80
C ARG D 48 -0.79 -13.58 -19.14
N ALA D 49 -1.12 -12.33 -19.40
CA ALA D 49 -2.42 -11.77 -18.97
C ALA D 49 -2.90 -10.91 -20.10
N PRO D 50 -4.22 -10.88 -20.34
CA PRO D 50 -4.70 -10.05 -21.43
C PRO D 50 -4.42 -8.56 -21.26
N TRP D 51 -4.39 -8.08 -20.02
CA TRP D 51 -4.21 -6.64 -19.77
C TRP D 51 -2.78 -6.10 -19.92
N ILE D 52 -1.80 -6.98 -20.03
CA ILE D 52 -0.44 -6.54 -20.27
C ILE D 52 -0.13 -6.48 -21.76
N GLU D 53 -0.97 -7.12 -22.59
CA GLU D 53 -0.72 -7.21 -24.04
C GLU D 53 -0.65 -5.86 -24.74
N GLN D 54 -1.30 -4.86 -24.15
CA GLN D 54 -1.31 -3.49 -24.66
C GLN D 54 -0.05 -2.67 -24.46
N GLU D 55 0.92 -3.15 -23.67
CA GLU D 55 2.19 -2.45 -23.57
C GLU D 55 2.93 -2.44 -24.89
N GLY D 56 3.64 -1.36 -25.17
CA GLY D 56 4.17 -1.15 -26.54
C GLY D 56 5.50 -1.82 -26.81
N PRO D 57 6.07 -1.61 -28.03
CA PRO D 57 7.34 -2.33 -28.31
C PRO D 57 8.55 -2.04 -27.35
N GLU D 58 8.63 -0.81 -26.83
CA GLU D 58 9.69 -0.40 -25.89
C GLU D 58 9.64 -1.22 -24.61
N TYR D 59 8.43 -1.48 -24.13
CA TYR D 59 8.23 -2.30 -22.93
C TYR D 59 8.77 -3.69 -23.15
N TRP D 60 8.32 -4.35 -24.20
CA TRP D 60 8.73 -5.73 -24.47
C TRP D 60 10.23 -5.92 -24.77
N ASP D 61 10.81 -5.00 -25.53
CA ASP D 61 12.24 -4.98 -25.77
C ASP D 61 13.01 -4.75 -24.46
N GLY D 62 12.53 -3.84 -23.62
CA GLY D 62 13.26 -3.49 -22.41
C GLY D 62 13.19 -4.62 -21.39
N GLU D 63 12.00 -5.18 -21.20
CA GLU D 63 11.83 -6.38 -20.33
C GLU D 63 12.63 -7.57 -20.81
N THR D 64 12.71 -7.77 -22.12
CA THR D 64 13.53 -8.86 -22.69
C THR D 64 15.02 -8.67 -22.39
N ARG D 65 15.51 -7.46 -22.63
CA ARG D 65 16.90 -7.12 -22.31
C ARG D 65 17.19 -7.36 -20.81
N LYS D 66 16.33 -6.87 -19.95
CA LYS D 66 16.55 -7.05 -18.51
C LYS D 66 16.50 -8.52 -18.10
N VAL D 67 15.56 -9.28 -18.67
CA VAL D 67 15.43 -10.69 -18.20
C VAL D 67 16.59 -11.54 -18.68
N LYS D 68 17.13 -11.21 -19.84
CA LYS D 68 18.34 -11.88 -20.34
C LYS D 68 19.54 -11.52 -19.48
N ALA D 69 19.60 -10.28 -19.00
CA ALA D 69 20.68 -9.86 -18.08
C ALA D 69 20.56 -10.61 -16.76
N HIS D 70 19.34 -10.80 -16.24
CA HIS D 70 19.14 -11.64 -15.04
C HIS D 70 19.61 -13.07 -15.30
N SER D 71 19.28 -13.59 -16.47
CA SER D 71 19.69 -14.94 -16.82
C SER D 71 21.21 -15.12 -16.82
N GLN D 72 21.89 -14.13 -17.34
CA GLN D 72 23.37 -14.18 -17.42
C GLN D 72 23.96 -14.09 -16.00
N THR D 73 23.36 -13.27 -15.16
CA THR D 73 23.85 -13.12 -13.76
C THR D 73 23.73 -14.46 -13.01
N HIS D 74 22.60 -15.12 -13.19
CA HIS D 74 22.36 -16.44 -12.57
C HIS D 74 23.23 -17.55 -13.12
N ARG D 75 23.58 -17.44 -14.39
CA ARG D 75 24.51 -18.38 -15.00
C ARG D 75 25.88 -18.32 -14.37
N VAL D 76 26.35 -17.10 -14.16
CA VAL D 76 27.63 -16.88 -13.45
C VAL D 76 27.51 -17.37 -12.00
N ASP D 77 26.40 -17.05 -11.35
CA ASP D 77 26.17 -17.44 -9.93
C ASP D 77 26.27 -18.94 -9.69
N LEU D 78 25.71 -19.74 -10.60
CA LEU D 78 25.82 -21.21 -10.49
C LEU D 78 27.29 -21.64 -10.38
N GLY D 79 28.18 -21.02 -11.18
CA GLY D 79 29.62 -21.38 -11.08
C GLY D 79 30.23 -20.85 -9.81
N THR D 80 29.88 -19.63 -9.45
CA THR D 80 30.41 -19.07 -8.22
C THR D 80 30.02 -19.88 -7.03
N LEU D 81 28.75 -20.26 -6.92
CA LEU D 81 28.30 -21.01 -5.74
C LEU D 81 28.92 -22.37 -5.60
N ARG D 82 29.21 -23.04 -6.72
CA ARG D 82 29.89 -24.35 -6.68
C ARG D 82 31.27 -24.16 -6.05
N GLY D 83 31.88 -23.02 -6.37
CA GLY D 83 33.18 -22.69 -5.81
C GLY D 83 33.07 -22.37 -4.33
N TYR D 84 32.08 -21.59 -3.93
CA TYR D 84 31.95 -21.25 -2.50
C TYR D 84 31.71 -22.49 -1.67
N TYR D 85 31.02 -23.47 -2.24
CA TYR D 85 30.64 -24.67 -1.50
C TYR D 85 31.50 -25.88 -1.80
N ASN D 86 32.58 -25.72 -2.59
CA ASN D 86 33.46 -26.87 -3.04
C ASN D 86 32.69 -28.08 -3.57
N GLN D 87 31.77 -27.80 -4.48
CA GLN D 87 30.96 -28.88 -5.09
C GLN D 87 31.49 -29.27 -6.47
N SER D 88 31.28 -30.51 -6.87
CA SER D 88 31.80 -30.94 -8.16
C SER D 88 31.02 -30.38 -9.35
N GLU D 89 31.65 -30.52 -10.53
CA GLU D 89 31.08 -30.13 -11.82
C GLU D 89 29.83 -30.96 -12.14
N ALA D 90 29.76 -32.17 -11.59
CA ALA D 90 28.83 -33.20 -12.05
C ALA D 90 27.39 -32.96 -11.68
N GLY D 91 27.14 -32.36 -10.53
CA GLY D 91 25.77 -32.31 -10.04
C GLY D 91 24.95 -31.14 -10.54
N SER D 92 23.63 -31.28 -10.50
CA SER D 92 22.73 -30.19 -10.82
C SER D 92 22.38 -29.42 -9.56
N HIS D 93 22.37 -28.10 -9.66
CA HIS D 93 22.06 -27.24 -8.53
C HIS D 93 21.04 -26.22 -8.96
N THR D 94 20.40 -25.59 -7.98
CA THR D 94 19.31 -24.65 -8.23
C THR D 94 19.56 -23.33 -7.53
N VAL D 95 19.35 -22.23 -8.25
CA VAL D 95 19.28 -20.89 -7.69
C VAL D 95 17.87 -20.35 -7.87
N GLN D 96 17.39 -19.67 -6.84
CA GLN D 96 16.05 -19.01 -6.90
C GLN D 96 16.19 -17.62 -6.35
N ARG D 97 15.53 -16.67 -7.00
CA ARG D 97 15.53 -15.26 -6.55
C ARG D 97 14.08 -14.81 -6.62
N MET D 98 13.66 -14.01 -5.64
CA MET D 98 12.30 -13.44 -5.68
C MET D 98 12.44 -12.02 -5.20
N TYR D 99 11.79 -11.07 -5.90
CA TYR D 99 11.71 -9.72 -5.34
C TYR D 99 10.42 -9.03 -5.70
N GLY D 100 10.09 -7.97 -4.97
CA GLY D 100 8.91 -7.22 -5.37
C GLY D 100 8.50 -6.27 -4.28
N CYS D 101 7.30 -5.70 -4.42
CA CYS D 101 6.85 -4.64 -3.51
C CYS D 101 5.37 -4.85 -3.20
N ASP D 102 4.96 -4.38 -2.03
CA ASP D 102 3.56 -4.27 -1.65
C ASP D 102 3.20 -2.79 -1.56
N VAL D 103 1.95 -2.46 -1.93
CA VAL D 103 1.35 -1.15 -1.68
C VAL D 103 0.14 -1.33 -0.77
N GLY D 104 -0.18 -0.31 0.03
CA GLY D 104 -1.35 -0.42 0.91
C GLY D 104 -2.58 0.14 0.22
N SER D 105 -3.61 0.47 1.01
CA SER D 105 -4.89 0.87 0.42
C SER D 105 -4.84 2.29 -0.12
N ASP D 106 -3.82 3.05 0.30
CA ASP D 106 -3.55 4.36 -0.25
C ASP D 106 -2.74 4.31 -1.56
N TRP D 107 -2.40 3.09 -2.00
CA TRP D 107 -1.60 2.78 -3.21
C TRP D 107 -0.16 3.30 -3.08
N ARG D 108 0.28 3.48 -1.85
CA ARG D 108 1.66 3.93 -1.59
C ARG D 108 2.50 2.75 -1.13
N PHE D 109 3.79 2.81 -1.41
CA PHE D 109 4.72 1.78 -0.98
C PHE D 109 4.50 1.34 0.47
N LEU D 110 4.41 0.04 0.68
CA LEU D 110 4.26 -0.50 2.02
C LEU D 110 5.48 -1.34 2.51
N ARG D 111 5.93 -2.28 1.68
CA ARG D 111 7.03 -3.15 2.08
C ARG D 111 7.71 -3.62 0.80
N GLY D 112 9.03 -3.83 0.84
CA GLY D 112 9.72 -4.41 -0.32
C GLY D 112 10.50 -5.62 0.09
N TYR D 113 10.85 -6.47 -0.87
CA TYR D 113 11.58 -7.68 -0.51
C TYR D 113 12.47 -8.11 -1.62
N HIS D 114 13.56 -8.82 -1.27
CA HIS D 114 14.46 -9.38 -2.24
C HIS D 114 15.17 -10.53 -1.55
N GLN D 115 14.96 -11.76 -2.02
CA GLN D 115 15.60 -12.90 -1.34
C GLN D 115 16.10 -13.88 -2.36
N TYR D 116 17.12 -14.65 -1.96
CA TYR D 116 17.80 -15.58 -2.86
C TYR D 116 18.01 -16.89 -2.11
N ALA D 117 17.93 -17.99 -2.84
CA ALA D 117 18.11 -19.32 -2.25
C ALA D 117 19.04 -20.12 -3.12
N TYR D 118 19.79 -21.01 -2.49
CA TYR D 118 20.64 -21.96 -3.25
C TYR D 118 20.27 -23.36 -2.77
N ASP D 119 19.97 -24.23 -3.72
CA ASP D 119 19.55 -25.60 -3.44
C ASP D 119 18.44 -25.70 -2.40
N GLY D 120 17.46 -24.78 -2.52
CA GLY D 120 16.26 -24.85 -1.74
C GLY D 120 16.33 -24.29 -0.33
N LYS D 121 17.44 -23.65 0.03
CA LYS D 121 17.69 -23.15 1.38
C LYS D 121 17.93 -21.62 1.23
N ASP D 122 17.42 -20.82 2.18
CA ASP D 122 17.78 -19.38 2.23
C ASP D 122 19.27 -19.16 2.09
N TYR D 123 19.65 -18.22 1.22
CA TYR D 123 21.04 -17.90 0.99
C TYR D 123 21.29 -16.46 1.53
N ILE D 124 20.68 -15.46 0.89
CA ILE D 124 20.84 -14.09 1.39
C ILE D 124 19.53 -13.38 1.11
N ALA D 125 19.15 -12.49 2.05
CA ALA D 125 17.90 -11.76 1.90
C ALA D 125 18.06 -10.32 2.41
N LEU D 126 17.41 -9.40 1.73
CA LEU D 126 17.34 -8.02 2.16
C LEU D 126 16.38 -7.96 3.33
N LYS D 127 16.75 -7.21 4.36
CA LYS D 127 15.91 -7.12 5.52
C LYS D 127 14.85 -6.06 5.26
N GLU D 128 13.85 -5.99 6.12
CA GLU D 128 12.69 -5.14 5.89
C GLU D 128 13.01 -3.63 5.82
N ASP D 129 14.11 -3.25 6.45
CA ASP D 129 14.58 -1.86 6.41
C ASP D 129 15.21 -1.45 5.10
N LEU D 130 15.40 -2.45 4.23
CA LEU D 130 15.96 -2.27 2.88
C LEU D 130 17.39 -1.72 2.85
N ARG D 131 18.14 -1.94 3.92
CA ARG D 131 19.53 -1.45 3.92
C ARG D 131 20.52 -2.41 4.54
N SER D 132 20.07 -3.58 4.93
CA SER D 132 20.97 -4.59 5.50
C SER D 132 20.55 -5.95 5.01
N TRP D 133 21.42 -6.94 5.21
CA TRP D 133 21.21 -8.26 4.69
C TRP D 133 21.20 -9.34 5.77
N THR D 134 20.39 -10.39 5.57
CA THR D 134 20.43 -11.58 6.42
C THR D 134 21.17 -12.65 5.60
N ALA D 135 22.29 -13.14 6.12
CA ALA D 135 23.15 -14.10 5.42
C ALA D 135 23.59 -15.12 6.47
N ALA D 136 22.83 -16.20 6.70
N ALA D 136 22.83 -16.21 6.60
CA ALA D 136 23.27 -17.22 7.71
CA ALA D 136 23.16 -17.22 7.58
C ALA D 136 24.57 -17.93 7.41
C ALA D 136 23.74 -18.52 7.04
N ASP D 137 24.69 -18.51 6.21
N ASP D 137 24.64 -18.44 6.05
CA ASP D 137 25.87 -19.31 6.10
CA ASP D 137 25.82 -19.29 6.09
C ASP D 137 27.09 -18.52 5.71
N MET D 138 28.25 -19.14 5.86
CA MET D 138 29.48 -18.42 5.66
C MET D 138 29.66 -18.00 4.22
N ALA D 139 29.21 -18.84 3.29
CA ALA D 139 29.31 -18.42 1.88
C ALA D 139 28.49 -17.21 1.56
N ALA D 140 27.30 -17.14 2.15
CA ALA D 140 26.45 -15.98 1.96
C ALA D 140 27.01 -14.73 2.60
N GLN D 141 27.82 -14.87 3.67
CA GLN D 141 28.57 -13.73 4.22
C GLN D 141 29.54 -13.15 3.19
N THR D 142 30.15 -14.02 2.39
CA THR D 142 31.05 -13.56 1.33
C THR D 142 30.28 -12.66 0.33
N THR D 143 29.10 -13.14 -0.07
CA THR D 143 28.26 -12.39 -0.99
C THR D 143 27.83 -11.05 -0.33
N LYS D 144 27.50 -11.19 0.94
CA LYS D 144 27.15 -9.96 1.70
C LYS D 144 28.27 -8.90 1.66
N HIS D 145 29.51 -9.30 1.89
CA HIS D 145 30.59 -8.33 1.86
C HIS D 145 30.70 -7.66 0.48
N LYS D 146 30.52 -8.47 -0.56
CA LYS D 146 30.68 -7.97 -1.94
C LYS D 146 29.51 -7.06 -2.26
N TRP D 147 28.32 -7.43 -1.83
CA TRP D 147 27.14 -6.59 -2.12
C TRP D 147 27.13 -5.33 -1.27
N GLU D 148 27.75 -5.38 -0.09
CA GLU D 148 27.83 -4.18 0.69
C GLU D 148 28.84 -3.23 0.05
N ALA D 149 29.97 -3.76 -0.43
CA ALA D 149 30.97 -2.89 -1.10
C ALA D 149 30.44 -2.26 -2.39
N ALA D 150 29.59 -2.99 -3.11
CA ALA D 150 28.97 -2.50 -4.36
C ALA D 150 27.68 -1.69 -4.18
N HIS D 151 27.28 -1.48 -2.93
CA HIS D 151 26.05 -0.69 -2.63
C HIS D 151 24.76 -1.25 -3.26
N VAL D 152 24.67 -2.58 -3.30
CA VAL D 152 23.49 -3.24 -3.86
C VAL D 152 22.19 -2.87 -3.15
N ALA D 153 22.19 -2.83 -1.83
CA ALA D 153 20.91 -2.52 -1.12
C ALA D 153 20.35 -1.18 -1.49
N GLU D 154 21.20 -0.17 -1.66
CA GLU D 154 20.67 1.15 -2.05
C GLU D 154 20.03 1.17 -3.42
N GLN D 155 20.60 0.40 -4.35
CA GLN D 155 20.09 0.31 -5.70
C GLN D 155 18.75 -0.42 -5.66
N LEU D 156 18.68 -1.51 -4.89
CA LEU D 156 17.42 -2.31 -4.82
C LEU D 156 16.34 -1.51 -4.12
N ARG D 157 16.75 -0.79 -3.09
CA ARG D 157 15.76 0.03 -2.41
C ARG D 157 15.13 1.05 -3.36
N ALA D 158 15.93 1.65 -4.25
CA ALA D 158 15.44 2.66 -5.17
C ALA D 158 14.43 2.07 -6.15
N TYR D 159 14.71 0.84 -6.60
CA TYR D 159 13.83 0.09 -7.46
C TYR D 159 12.52 -0.24 -6.73
N LEU D 160 12.64 -0.78 -5.53
CA LEU D 160 11.48 -1.33 -4.80
C LEU D 160 10.55 -0.25 -4.32
N GLU D 161 11.09 0.88 -3.88
CA GLU D 161 10.23 1.98 -3.41
C GLU D 161 9.73 2.88 -4.52
N GLY D 162 10.36 2.82 -5.70
CA GLY D 162 10.01 3.71 -6.79
C GLY D 162 9.37 3.01 -7.98
N THR D 163 10.24 2.55 -8.87
CA THR D 163 9.87 1.90 -10.12
C THR D 163 8.87 0.76 -9.95
N CYS D 164 9.13 -0.12 -8.97
CA CYS D 164 8.20 -1.22 -8.65
C CYS D 164 6.79 -0.71 -8.37
N VAL D 165 6.70 0.29 -7.51
CA VAL D 165 5.39 0.84 -7.10
C VAL D 165 4.68 1.51 -8.28
N GLU D 166 5.44 2.31 -9.04
CA GLU D 166 4.96 2.94 -10.27
C GLU D 166 4.34 1.95 -11.26
N TRP D 167 5.02 0.83 -11.52
CA TRP D 167 4.46 -0.11 -12.49
C TRP D 167 3.30 -0.91 -11.89
N LEU D 168 3.37 -1.22 -10.60
CA LEU D 168 2.26 -1.93 -9.92
C LEU D 168 0.99 -1.09 -10.03
N ARG D 169 1.12 0.21 -9.78
CA ARG D 169 -0.04 1.11 -9.90
C ARG D 169 -0.62 1.13 -11.30
N ARG D 170 0.28 1.12 -12.29
CA ARG D 170 -0.13 1.11 -13.67
C ARG D 170 -0.90 -0.15 -14.01
N TYR D 171 -0.41 -1.31 -13.53
CA TYR D 171 -1.03 -2.60 -13.84
C TYR D 171 -2.37 -2.71 -13.14
N LEU D 172 -2.44 -2.22 -11.91
CA LEU D 172 -3.72 -2.27 -11.21
C LEU D 172 -4.83 -1.46 -11.91
N GLU D 173 -4.45 -0.37 -12.58
CA GLU D 173 -5.41 0.40 -13.38
C GLU D 173 -5.81 -0.28 -14.66
N ASN D 174 -4.79 -0.69 -15.42
CA ASN D 174 -5.00 -1.36 -16.70
C ASN D 174 -5.77 -2.67 -16.62
N GLY D 175 -5.49 -3.44 -15.57
CA GLY D 175 -6.11 -4.73 -15.37
C GLY D 175 -7.10 -4.68 -14.25
N LYS D 176 -7.72 -3.52 -14.06
CA LYS D 176 -8.70 -3.25 -13.00
C LYS D 176 -9.73 -4.34 -12.83
N GLU D 177 -10.32 -4.82 -13.92
CA GLU D 177 -11.46 -5.72 -13.77
C GLU D 177 -11.04 -7.13 -13.32
N THR D 178 -9.79 -7.46 -13.57
CA THR D 178 -9.20 -8.72 -13.09
C THR D 178 -8.56 -8.55 -11.71
N LEU D 179 -7.80 -7.49 -11.54
CA LEU D 179 -6.97 -7.36 -10.36
C LEU D 179 -7.73 -6.73 -9.18
N GLN D 180 -8.60 -5.76 -9.45
CA GLN D 180 -9.32 -5.11 -8.37
C GLN D 180 -10.66 -5.80 -8.22
N ARG D 181 -10.61 -7.07 -7.87
CA ARG D 181 -11.81 -7.81 -7.67
C ARG D 181 -11.64 -8.78 -6.51
N THR D 182 -12.79 -9.19 -5.99
CA THR D 182 -12.80 -10.19 -4.96
C THR D 182 -13.94 -11.12 -5.32
N ASP D 183 -13.66 -12.42 -5.38
CA ASP D 183 -14.70 -13.42 -5.60
C ASP D 183 -14.82 -14.21 -4.31
N ALA D 184 -15.94 -14.06 -3.63
CA ALA D 184 -16.18 -14.82 -2.39
C ALA D 184 -16.28 -16.33 -2.66
N PRO D 185 -15.84 -17.17 -1.71
CA PRO D 185 -15.93 -18.61 -1.91
C PRO D 185 -17.36 -19.12 -1.88
N LYS D 186 -17.63 -20.08 -2.76
CA LYS D 186 -18.87 -20.83 -2.70
C LYS D 186 -18.55 -22.09 -1.90
N THR D 187 -19.26 -22.25 -0.77
CA THR D 187 -18.87 -23.23 0.21
C THR D 187 -19.90 -24.34 0.35
N HIS D 188 -19.42 -25.54 0.73
CA HIS D 188 -20.32 -26.62 1.12
C HIS D 188 -19.50 -27.65 1.87
N MET D 189 -20.18 -28.61 2.49
CA MET D 189 -19.44 -29.71 3.12
C MET D 189 -19.99 -31.03 2.54
N THR D 190 -19.16 -32.04 2.45
CA THR D 190 -19.59 -33.35 2.01
C THR D 190 -19.37 -34.38 3.12
N HIS D 191 -20.13 -35.44 3.03
CA HIS D 191 -20.11 -36.49 4.07
C HIS D 191 -20.04 -37.85 3.35
N HIS D 192 -19.04 -38.69 3.68
CA HIS D 192 -19.00 -40.03 3.10
C HIS D 192 -18.51 -41.02 4.12
N ALA D 193 -19.17 -42.17 4.21
CA ALA D 193 -18.80 -43.14 5.22
C ALA D 193 -17.47 -43.78 4.76
N VAL D 194 -16.61 -44.07 5.73
CA VAL D 194 -15.31 -44.68 5.47
C VAL D 194 -15.43 -46.14 5.91
N SER D 195 -16.34 -46.38 6.85
CA SER D 195 -16.65 -47.73 7.28
C SER D 195 -18.00 -47.66 7.96
N ASP D 196 -18.39 -48.73 8.65
CA ASP D 196 -19.64 -48.69 9.40
C ASP D 196 -19.67 -47.80 10.61
N HIS D 197 -18.50 -47.33 11.04
CA HIS D 197 -18.45 -46.55 12.24
C HIS D 197 -17.74 -45.21 12.10
N GLU D 198 -17.22 -44.87 10.90
CA GLU D 198 -16.53 -43.60 10.73
C GLU D 198 -16.95 -42.92 9.45
N ALA D 199 -16.83 -41.60 9.43
CA ALA D 199 -17.19 -40.84 8.21
C ALA D 199 -16.21 -39.75 7.96
N THR D 200 -15.99 -39.44 6.68
CA THR D 200 -15.15 -38.28 6.31
C THR D 200 -16.03 -37.06 6.12
N LEU D 201 -15.71 -35.98 6.83
CA LEU D 201 -16.37 -34.70 6.58
C LEU D 201 -15.40 -33.82 5.84
N ARG D 202 -15.80 -33.28 4.69
CA ARG D 202 -14.87 -32.41 3.96
C ARG D 202 -15.52 -31.07 3.72
N CYS D 203 -14.84 -29.98 4.11
CA CYS D 203 -15.36 -28.64 3.94
C CYS D 203 -14.70 -28.09 2.67
N TRP D 204 -15.53 -27.56 1.78
CA TRP D 204 -15.02 -27.05 0.49
C TRP D 204 -15.20 -25.55 0.31
N ALA D 205 -14.18 -24.94 -0.30
CA ALA D 205 -14.32 -23.56 -0.76
C ALA D 205 -13.92 -23.51 -2.22
N LEU D 206 -14.83 -23.01 -3.06
CA LEU D 206 -14.62 -23.02 -4.54
C LEU D 206 -14.75 -21.64 -5.10
N SER D 207 -14.01 -21.40 -6.20
CA SER D 207 -14.28 -20.21 -7.05
C SER D 207 -13.98 -18.89 -6.41
N PHE D 208 -12.94 -18.88 -5.56
CA PHE D 208 -12.57 -17.64 -4.85
C PHE D 208 -11.31 -16.95 -5.36
N TYR D 209 -11.25 -15.66 -5.12
CA TYR D 209 -10.09 -14.84 -5.46
C TYR D 209 -10.08 -13.66 -4.51
N PRO D 210 -8.92 -13.28 -3.97
CA PRO D 210 -7.55 -13.84 -4.06
C PRO D 210 -7.40 -15.18 -3.33
N ALA D 211 -6.21 -15.78 -3.46
CA ALA D 211 -5.97 -17.15 -2.96
C ALA D 211 -6.03 -17.31 -1.45
N GLU D 212 -5.78 -16.24 -0.72
CA GLU D 212 -5.68 -16.31 0.75
C GLU D 212 -7.01 -16.67 1.38
N ILE D 213 -7.05 -17.72 2.20
CA ILE D 213 -8.32 -18.20 2.75
C ILE D 213 -7.96 -19.06 3.98
N THR D 214 -8.86 -19.13 4.96
CA THR D 214 -8.65 -20.03 6.10
C THR D 214 -9.87 -20.90 6.26
N LEU D 215 -9.65 -22.23 6.32
CA LEU D 215 -10.69 -23.22 6.59
C LEU D 215 -10.32 -23.92 7.88
N THR D 216 -11.26 -23.98 8.84
CA THR D 216 -10.97 -24.58 10.16
C THR D 216 -12.11 -25.47 10.61
N TRP D 217 -11.84 -26.68 11.07
CA TRP D 217 -12.91 -27.46 11.74
C TRP D 217 -12.90 -27.26 13.24
N GLN D 218 -14.10 -27.19 13.83
CA GLN D 218 -14.23 -27.19 15.29
C GLN D 218 -15.05 -28.41 15.70
N ARG D 219 -14.73 -29.01 16.84
CA ARG D 219 -15.56 -30.07 17.42
C ARG D 219 -16.05 -29.47 18.74
N ASP D 220 -17.36 -29.28 18.90
CA ASP D 220 -17.91 -28.53 20.05
C ASP D 220 -17.27 -27.20 20.27
N GLY D 221 -16.90 -26.50 19.21
CA GLY D 221 -16.13 -25.28 19.48
C GLY D 221 -14.63 -25.36 19.76
N GLU D 222 -14.05 -26.56 19.84
CA GLU D 222 -12.58 -26.66 19.90
C GLU D 222 -11.94 -26.87 18.54
N ASP D 223 -10.93 -26.07 18.20
CA ASP D 223 -10.22 -26.26 16.90
C ASP D 223 -9.58 -27.63 16.77
N GLN D 224 -9.75 -28.27 15.62
CA GLN D 224 -9.25 -29.62 15.39
C GLN D 224 -8.01 -29.67 14.49
N THR D 225 -7.08 -28.74 14.68
CA THR D 225 -5.97 -28.56 13.73
C THR D 225 -5.13 -29.82 13.47
N GLN D 226 -4.77 -30.52 14.54
CA GLN D 226 -3.98 -31.75 14.46
C GLN D 226 -4.66 -32.94 13.81
N ASP D 227 -6.00 -32.94 13.78
CA ASP D 227 -6.70 -34.01 13.13
C ASP D 227 -7.28 -33.61 11.76
N THR D 228 -6.98 -32.39 11.31
CA THR D 228 -7.53 -31.94 10.03
C THR D 228 -6.54 -32.21 8.90
N GLU D 229 -7.01 -32.74 7.76
CA GLU D 229 -6.18 -32.77 6.56
C GLU D 229 -6.53 -31.55 5.73
N LEU D 230 -5.55 -30.72 5.46
CA LEU D 230 -5.80 -29.44 4.83
C LEU D 230 -4.95 -29.44 3.58
N VAL D 231 -5.59 -29.38 2.40
CA VAL D 231 -4.78 -29.45 1.16
C VAL D 231 -4.28 -28.06 0.78
N GLU D 232 -3.23 -28.02 -0.03
CA GLU D 232 -2.75 -26.72 -0.50
C GLU D 232 -3.76 -26.05 -1.39
N THR D 233 -3.91 -24.73 -1.23
CA THR D 233 -4.82 -23.96 -2.09
C THR D 233 -4.38 -24.13 -3.55
N ARG D 234 -5.36 -24.42 -4.44
CA ARG D 234 -5.01 -24.86 -5.80
C ARG D 234 -5.76 -24.03 -6.83
N PRO D 235 -5.12 -23.80 -7.97
CA PRO D 235 -5.80 -23.06 -9.03
C PRO D 235 -6.83 -23.85 -9.80
N ALA D 236 -7.97 -23.21 -10.09
CA ALA D 236 -9.01 -23.86 -10.87
C ALA D 236 -8.63 -23.86 -12.35
N GLY D 237 -7.82 -22.86 -12.75
CA GLY D 237 -7.40 -22.74 -14.13
C GLY D 237 -7.99 -21.53 -14.84
N ASP D 238 -9.00 -20.93 -14.19
CA ASP D 238 -9.78 -19.78 -14.71
C ASP D 238 -9.55 -18.50 -13.95
N GLY D 239 -8.50 -18.47 -13.13
CA GLY D 239 -8.27 -17.26 -12.38
C GLY D 239 -8.86 -17.27 -10.99
N THR D 240 -9.50 -18.38 -10.63
CA THR D 240 -9.98 -18.58 -9.24
C THR D 240 -9.29 -19.78 -8.59
N PHE D 241 -9.56 -19.93 -7.28
CA PHE D 241 -8.88 -20.94 -6.46
C PHE D 241 -9.87 -21.83 -5.73
N GLN D 242 -9.33 -22.97 -5.25
CA GLN D 242 -10.12 -23.96 -4.51
C GLN D 242 -9.31 -24.43 -3.31
N LYS D 243 -10.02 -24.90 -2.27
CA LYS D 243 -9.32 -25.52 -1.12
C LYS D 243 -10.31 -26.37 -0.39
N TRP D 244 -9.83 -27.41 0.29
CA TRP D 244 -10.70 -28.15 1.19
C TRP D 244 -9.93 -28.56 2.43
N ALA D 245 -10.72 -28.96 3.43
CA ALA D 245 -10.18 -29.42 4.71
C ALA D 245 -11.07 -30.59 5.14
N ALA D 246 -10.45 -31.67 5.66
CA ALA D 246 -11.24 -32.86 6.01
C ALA D 246 -10.88 -33.38 7.38
N VAL D 247 -11.89 -33.91 8.05
CA VAL D 247 -11.69 -34.70 9.30
C VAL D 247 -12.40 -36.04 9.20
N VAL D 248 -11.88 -37.05 9.89
CA VAL D 248 -12.54 -38.36 9.96
C VAL D 248 -13.13 -38.47 11.36
N VAL D 249 -14.41 -38.80 11.45
CA VAL D 249 -15.23 -38.57 12.66
C VAL D 249 -16.00 -39.86 12.94
N PRO D 250 -16.22 -40.21 14.21
CA PRO D 250 -17.13 -41.33 14.50
C PRO D 250 -18.56 -41.04 14.01
N SER D 251 -19.19 -42.01 13.33
CA SER D 251 -20.59 -41.88 12.86
C SER D 251 -21.49 -41.53 14.03
N GLY D 252 -22.37 -40.54 13.87
CA GLY D 252 -23.24 -40.14 14.94
C GLY D 252 -22.79 -38.81 15.58
N GLN D 253 -21.54 -38.43 15.37
CA GLN D 253 -21.03 -37.22 16.01
C GLN D 253 -21.00 -36.03 15.06
N GLU D 254 -21.59 -36.17 13.85
CA GLU D 254 -21.49 -35.09 12.86
C GLU D 254 -21.91 -33.74 13.34
N GLN D 255 -22.94 -33.70 14.17
CA GLN D 255 -23.51 -32.40 14.60
C GLN D 255 -22.61 -31.64 15.58
N ARG D 256 -21.59 -32.32 16.11
CA ARG D 256 -20.58 -31.65 16.93
C ARG D 256 -19.59 -30.84 16.11
N TYR D 257 -19.52 -31.11 14.82
CA TYR D 257 -18.48 -30.53 13.98
C TYR D 257 -18.98 -29.43 13.10
N THR D 258 -18.20 -28.35 13.01
CA THR D 258 -18.58 -27.20 12.19
C THR D 258 -17.35 -26.78 11.42
N CYS D 259 -17.53 -26.26 10.21
CA CYS D 259 -16.40 -25.70 9.44
C CYS D 259 -16.53 -24.19 9.34
N HIS D 260 -15.43 -23.49 9.49
CA HIS D 260 -15.38 -22.04 9.57
C HIS D 260 -14.52 -21.55 8.44
N VAL D 261 -15.11 -20.67 7.64
CA VAL D 261 -14.41 -20.18 6.42
C VAL D 261 -14.21 -18.65 6.54
N GLN D 262 -12.98 -18.17 6.40
CA GLN D 262 -12.64 -16.74 6.40
C GLN D 262 -12.03 -16.37 5.05
N HIS D 263 -12.54 -15.31 4.42
CA HIS D 263 -11.97 -14.86 3.14
C HIS D 263 -12.35 -13.39 3.02
N GLU D 264 -11.52 -12.60 2.37
CA GLU D 264 -11.80 -11.17 2.23
C GLU D 264 -13.11 -10.79 1.51
N GLY D 265 -13.58 -11.70 0.66
CA GLY D 265 -14.87 -11.62 -0.04
C GLY D 265 -16.08 -11.80 0.82
N LEU D 266 -15.91 -12.38 2.00
CA LEU D 266 -17.06 -12.57 2.88
C LEU D 266 -17.34 -11.31 3.69
N PRO D 267 -18.62 -10.95 3.84
CA PRO D 267 -18.92 -9.87 4.79
C PRO D 267 -18.61 -10.19 6.27
N LYS D 268 -18.71 -11.47 6.67
CA LYS D 268 -18.42 -11.96 8.03
C LYS D 268 -17.95 -13.38 7.76
N PRO D 269 -17.10 -14.00 8.62
CA PRO D 269 -16.77 -15.42 8.33
C PRO D 269 -17.94 -16.37 8.40
N LEU D 270 -17.90 -17.45 7.62
CA LEU D 270 -19.08 -18.32 7.53
C LEU D 270 -18.89 -19.52 8.42
N THR D 271 -19.96 -19.98 9.03
CA THR D 271 -19.92 -21.26 9.72
C THR D 271 -20.88 -22.20 9.01
N LEU D 272 -20.41 -23.39 8.67
CA LEU D 272 -21.28 -24.41 8.05
C LEU D 272 -21.49 -25.50 9.07
N ARG D 273 -22.72 -26.02 9.11
CA ARG D 273 -23.16 -26.98 10.14
C ARG D 273 -23.84 -28.17 9.52
N TRP D 274 -23.93 -29.24 10.32
CA TRP D 274 -24.58 -30.48 9.85
C TRP D 274 -26.05 -30.59 10.32
N GLU D 275 -26.57 -29.50 10.84
CA GLU D 275 -27.95 -29.46 11.32
C GLU D 275 -28.44 -28.03 11.13
N MET E 1 21.54 -33.15 -0.20
CA MET E 1 20.80 -31.94 -0.63
C MET E 1 19.34 -31.97 -0.23
N ILE E 2 18.71 -30.80 -0.08
CA ILE E 2 17.29 -30.73 0.23
C ILE E 2 16.49 -31.42 -0.85
N GLN E 3 15.55 -32.26 -0.43
CA GLN E 3 14.57 -32.81 -1.34
C GLN E 3 13.21 -32.74 -0.68
N ARG E 4 12.18 -32.31 -1.41
CA ARG E 4 10.84 -32.16 -0.84
C ARG E 4 9.87 -32.85 -1.80
N THR E 5 8.95 -33.65 -1.26
CA THR E 5 8.06 -34.54 -2.04
C THR E 5 6.90 -33.75 -2.57
N PRO E 6 6.54 -33.92 -3.85
CA PRO E 6 5.34 -33.24 -4.33
C PRO E 6 4.08 -33.72 -3.65
N LYS E 7 3.20 -32.74 -3.44
CA LYS E 7 1.85 -33.00 -2.99
C LYS E 7 0.97 -32.92 -4.22
N ILE E 8 0.26 -33.98 -4.55
CA ILE E 8 -0.39 -34.11 -5.86
C ILE E 8 -1.89 -34.07 -5.65
N GLN E 9 -2.58 -33.23 -6.43
CA GLN E 9 -4.04 -33.13 -6.40
C GLN E 9 -4.57 -33.24 -7.82
N VAL E 10 -5.53 -34.14 -8.02
CA VAL E 10 -6.20 -34.30 -9.29
C VAL E 10 -7.69 -33.96 -9.16
N TYR E 11 -8.22 -33.06 -10.04
CA TYR E 11 -9.51 -32.49 -9.81
C TYR E 11 -10.01 -31.84 -11.08
N SER E 12 -11.31 -31.59 -11.14
CA SER E 12 -11.85 -30.82 -12.26
C SER E 12 -11.98 -29.33 -11.96
N ARG E 13 -11.95 -28.49 -13.01
CA ARG E 13 -12.13 -27.08 -12.81
C ARG E 13 -13.53 -26.76 -12.26
N HIS E 14 -14.55 -27.38 -12.85
CA HIS E 14 -15.97 -27.16 -12.50
C HIS E 14 -16.58 -28.45 -11.96
N PRO E 15 -17.68 -28.39 -11.19
CA PRO E 15 -18.31 -29.64 -10.76
C PRO E 15 -18.63 -30.51 -11.96
N ALA E 16 -18.26 -31.79 -11.88
CA ALA E 16 -18.31 -32.67 -13.03
C ALA E 16 -19.73 -33.12 -13.34
N GLU E 17 -20.08 -33.13 -14.61
CA GLU E 17 -21.38 -33.61 -15.01
C GLU E 17 -21.11 -34.41 -16.27
N ASN E 18 -21.57 -35.67 -16.33
CA ASN E 18 -21.31 -36.57 -17.46
C ASN E 18 -21.80 -35.94 -18.75
N GLY E 19 -20.94 -35.96 -19.76
CA GLY E 19 -21.30 -35.46 -21.09
C GLY E 19 -21.00 -33.99 -21.30
N LYS E 20 -20.56 -33.33 -20.24
CA LYS E 20 -20.33 -31.89 -20.28
C LYS E 20 -18.88 -31.56 -20.21
N SER E 21 -18.40 -30.82 -21.21
CA SER E 21 -17.00 -30.41 -21.31
C SER E 21 -16.52 -29.65 -20.07
N ASN E 22 -15.25 -29.88 -19.72
CA ASN E 22 -14.68 -29.46 -18.45
C ASN E 22 -13.14 -29.49 -18.62
N PHE E 23 -12.41 -29.25 -17.55
CA PHE E 23 -10.97 -29.34 -17.59
C PHE E 23 -10.49 -30.18 -16.44
N LEU E 24 -9.56 -31.07 -16.72
CA LEU E 24 -8.94 -31.92 -15.70
C LEU E 24 -7.59 -31.33 -15.35
N ASN E 25 -7.34 -31.18 -14.06
CA ASN E 25 -6.15 -30.55 -13.52
C ASN E 25 -5.38 -31.52 -12.66
N CYS E 26 -4.05 -31.44 -12.74
CA CYS E 26 -3.17 -32.15 -11.79
C CYS E 26 -2.25 -31.05 -11.31
N TYR E 27 -2.46 -30.70 -10.03
CA TYR E 27 -1.63 -29.67 -9.38
C TYR E 27 -0.59 -30.35 -8.51
N VAL E 28 0.66 -30.03 -8.78
CA VAL E 28 1.75 -30.57 -7.93
C VAL E 28 2.44 -29.41 -7.25
N SER E 29 2.63 -29.53 -5.98
CA SER E 29 3.18 -28.37 -5.19
C SER E 29 4.10 -28.89 -4.13
N GLY E 30 4.92 -27.98 -3.56
CA GLY E 30 5.70 -28.38 -2.43
C GLY E 30 6.94 -29.20 -2.71
N PHE E 31 7.36 -29.24 -3.98
CA PHE E 31 8.48 -30.12 -4.37
C PHE E 31 9.81 -29.38 -4.54
N HIS E 32 10.89 -30.13 -4.37
CA HIS E 32 12.27 -29.59 -4.64
C HIS E 32 13.14 -30.84 -4.80
N PRO E 33 14.04 -30.93 -5.79
CA PRO E 33 14.29 -29.96 -6.85
C PRO E 33 13.21 -29.96 -7.95
N SER E 34 13.46 -29.19 -9.01
CA SER E 34 12.40 -28.81 -9.92
C SER E 34 12.07 -29.88 -10.95
N ASP E 35 12.99 -30.82 -11.18
CA ASP E 35 12.75 -31.82 -12.28
C ASP E 35 11.65 -32.77 -11.83
N ILE E 36 10.59 -32.83 -12.63
CA ILE E 36 9.42 -33.60 -12.24
C ILE E 36 8.80 -34.07 -13.57
N GLU E 37 8.21 -35.26 -13.57
CA GLU E 37 7.47 -35.76 -14.72
C GLU E 37 6.02 -35.93 -14.31
N VAL E 38 5.10 -35.34 -15.06
CA VAL E 38 3.66 -35.36 -14.70
C VAL E 38 2.87 -35.73 -15.94
N ASP E 39 2.11 -36.80 -15.86
CA ASP E 39 1.26 -37.21 -17.00
C ASP E 39 -0.16 -37.28 -16.53
N LEU E 40 -1.09 -36.79 -17.33
CA LEU E 40 -2.52 -37.08 -17.12
C LEU E 40 -2.90 -38.32 -17.91
N LEU E 41 -3.72 -39.17 -17.28
CA LEU E 41 -4.05 -40.44 -17.88
C LEU E 41 -5.56 -40.60 -18.09
N LYS E 42 -5.94 -41.22 -19.20
CA LYS E 42 -7.32 -41.68 -19.44
C LYS E 42 -7.30 -43.18 -19.65
N ASN E 43 -7.98 -43.91 -18.74
CA ASN E 43 -7.97 -45.39 -18.70
C ASN E 43 -6.53 -45.94 -18.81
N GLY E 44 -5.59 -45.29 -18.12
CA GLY E 44 -4.23 -45.76 -18.01
C GLY E 44 -3.26 -45.30 -19.08
N GLU E 45 -3.79 -44.56 -20.06
CA GLU E 45 -3.02 -44.16 -21.26
C GLU E 45 -2.70 -42.67 -21.15
N ARG E 46 -1.47 -42.28 -21.46
CA ARG E 46 -1.06 -40.89 -21.39
C ARG E 46 -1.83 -40.02 -22.40
N ILE E 47 -2.37 -38.92 -21.89
CA ILE E 47 -3.08 -37.96 -22.72
C ILE E 47 -2.03 -37.01 -23.28
N GLU E 48 -1.97 -36.96 -24.60
CA GLU E 48 -0.89 -36.20 -25.25
C GLU E 48 -1.13 -34.70 -25.32
N LYS E 49 -2.37 -34.26 -25.42
CA LYS E 49 -2.65 -32.82 -25.48
C LYS E 49 -2.87 -32.26 -24.08
N VAL E 50 -1.77 -32.16 -23.34
CA VAL E 50 -1.77 -31.59 -22.00
C VAL E 50 -0.87 -30.37 -21.94
N GLU E 51 -1.36 -29.29 -21.32
CA GLU E 51 -0.61 -28.06 -21.19
C GLU E 51 -0.15 -27.94 -19.75
N HIS E 52 0.84 -27.10 -19.50
CA HIS E 52 1.21 -26.81 -18.11
C HIS E 52 1.62 -25.34 -17.87
N SER E 53 1.50 -24.95 -16.61
CA SER E 53 1.89 -23.61 -16.17
C SER E 53 3.39 -23.40 -16.16
N ASP E 54 3.77 -22.13 -16.07
CA ASP E 54 5.18 -21.76 -15.97
C ASP E 54 5.66 -21.99 -14.55
N LEU E 55 6.86 -22.57 -14.42
CA LEU E 55 7.39 -22.98 -13.10
C LEU E 55 7.53 -21.78 -12.18
N SER E 56 6.93 -21.91 -11.00
CA SER E 56 7.03 -20.85 -10.02
C SER E 56 7.26 -21.55 -8.67
N PHE E 57 7.39 -20.75 -7.62
CA PHE E 57 7.61 -21.27 -6.30
C PHE E 57 6.98 -20.42 -5.19
N SER E 58 6.88 -21.06 -4.02
CA SER E 58 6.20 -20.48 -2.90
C SER E 58 7.22 -19.79 -2.00
N LYS E 59 6.74 -19.24 -0.88
CA LYS E 59 7.60 -18.51 0.07
C LYS E 59 8.74 -19.36 0.65
N ASP E 60 8.47 -20.64 0.77
CA ASP E 60 9.40 -21.57 1.36
C ASP E 60 10.35 -22.20 0.32
N TRP E 61 10.26 -21.67 -0.89
CA TRP E 61 11.13 -22.00 -2.05
C TRP E 61 10.64 -23.24 -2.78
N SER E 62 9.62 -23.93 -2.27
CA SER E 62 9.22 -25.15 -2.99
C SER E 62 8.39 -24.82 -4.24
N PHE E 63 8.55 -25.67 -5.24
CA PHE E 63 7.98 -25.42 -6.55
C PHE E 63 6.52 -25.83 -6.67
N TYR E 64 5.82 -25.23 -7.62
CA TYR E 64 4.45 -25.69 -7.97
C TYR E 64 4.22 -25.57 -9.48
N LEU E 65 3.42 -26.51 -9.99
CA LEU E 65 3.06 -26.57 -11.43
C LEU E 65 1.64 -27.09 -11.55
N LEU E 66 0.89 -26.59 -12.52
CA LEU E 66 -0.43 -27.09 -12.86
C LEU E 66 -0.34 -27.67 -14.26
N TYR E 67 -0.77 -28.92 -14.39
CA TYR E 67 -0.95 -29.59 -15.70
C TYR E 67 -2.45 -29.70 -15.95
N TYR E 68 -2.89 -29.44 -17.16
CA TYR E 68 -4.31 -29.40 -17.40
C TYR E 68 -4.65 -29.79 -18.83
N THR E 69 -5.86 -30.33 -19.03
CA THR E 69 -6.35 -30.65 -20.37
C THR E 69 -7.87 -30.53 -20.38
N GLU E 70 -8.47 -30.27 -21.54
CA GLU E 70 -9.93 -30.33 -21.66
C GLU E 70 -10.34 -31.77 -21.62
N PHE E 71 -11.49 -32.08 -21.00
CA PHE E 71 -12.01 -33.43 -21.00
C PHE E 71 -13.50 -33.39 -20.87
N THR E 72 -14.16 -34.46 -21.27
CA THR E 72 -15.59 -34.60 -21.07
C THR E 72 -15.80 -35.89 -20.29
N PRO E 73 -16.14 -35.77 -18.98
CA PRO E 73 -16.38 -36.89 -18.07
C PRO E 73 -17.50 -37.81 -18.58
N THR E 74 -17.30 -39.11 -18.39
CA THR E 74 -18.36 -40.10 -18.59
C THR E 74 -18.45 -41.00 -17.36
N GLU E 75 -19.44 -41.88 -17.37
CA GLU E 75 -19.60 -42.86 -16.33
C GLU E 75 -18.40 -43.79 -16.23
N LYS E 76 -17.96 -44.31 -17.37
CA LYS E 76 -16.97 -45.37 -17.40
C LYS E 76 -15.49 -44.95 -17.42
N ASP E 77 -15.17 -43.77 -17.95
CA ASP E 77 -13.75 -43.42 -18.15
C ASP E 77 -13.08 -43.07 -16.84
N GLU E 78 -11.89 -43.62 -16.64
CA GLU E 78 -11.14 -43.36 -15.41
C GLU E 78 -10.02 -42.38 -15.73
N TYR E 79 -9.87 -41.35 -14.90
CA TYR E 79 -8.81 -40.38 -15.11
C TYR E 79 -7.86 -40.40 -13.92
N ALA E 80 -6.61 -40.04 -14.17
CA ALA E 80 -5.59 -40.10 -13.10
C ALA E 80 -4.43 -39.20 -13.46
N CYS E 81 -3.50 -39.01 -12.51
CA CYS E 81 -2.28 -38.21 -12.76
C CYS E 81 -1.15 -39.09 -12.27
N ARG E 82 -0.10 -39.26 -13.08
CA ARG E 82 1.07 -40.08 -12.72
C ARG E 82 2.23 -39.11 -12.56
N VAL E 83 2.91 -39.14 -11.41
CA VAL E 83 3.97 -38.19 -11.10
C VAL E 83 5.25 -38.96 -10.71
N ASN E 84 6.38 -38.52 -11.27
CA ASN E 84 7.64 -39.08 -10.80
C ASN E 84 8.55 -37.93 -10.40
N HIS E 85 9.34 -38.18 -9.36
CA HIS E 85 10.21 -37.18 -8.76
C HIS E 85 11.28 -37.98 -8.01
N VAL E 86 12.41 -37.33 -7.72
CA VAL E 86 13.51 -38.02 -7.02
C VAL E 86 13.10 -38.55 -5.65
N THR E 87 12.10 -37.89 -5.01
CA THR E 87 11.67 -38.30 -3.65
C THR E 87 10.77 -39.53 -3.61
N LEU E 88 10.32 -39.97 -4.80
CA LEU E 88 9.38 -41.08 -4.94
C LEU E 88 10.08 -42.34 -5.41
N SER E 89 9.82 -43.45 -4.73
CA SER E 89 10.52 -44.70 -5.05
C SER E 89 10.00 -45.41 -6.30
N GLN E 90 8.82 -45.01 -6.77
CA GLN E 90 8.26 -45.38 -8.07
C GLN E 90 7.24 -44.29 -8.40
N PRO E 91 6.78 -44.17 -9.67
CA PRO E 91 5.80 -43.17 -9.99
C PRO E 91 4.54 -43.32 -9.13
N LYS E 92 4.00 -42.18 -8.70
CA LYS E 92 2.80 -42.19 -7.89
C LYS E 92 1.60 -41.87 -8.78
N ILE E 93 0.59 -42.73 -8.75
CA ILE E 93 -0.62 -42.52 -9.55
C ILE E 93 -1.74 -42.12 -8.58
N VAL E 94 -2.32 -40.94 -8.82
CA VAL E 94 -3.44 -40.44 -8.02
C VAL E 94 -4.68 -40.44 -8.92
N LYS E 95 -5.70 -41.15 -8.52
CA LYS E 95 -6.91 -41.24 -9.36
C LYS E 95 -7.84 -40.06 -9.14
N TRP E 96 -8.50 -39.62 -10.19
CA TRP E 96 -9.55 -38.59 -10.06
C TRP E 96 -10.76 -39.20 -9.36
N ASP E 97 -11.19 -38.57 -8.27
CA ASP E 97 -12.35 -39.06 -7.51
C ASP E 97 -13.34 -37.92 -7.55
N ARG E 98 -14.38 -38.04 -8.36
CA ARG E 98 -15.30 -36.94 -8.48
C ARG E 98 -16.25 -36.78 -7.29
N ASP E 99 -16.29 -37.76 -6.38
CA ASP E 99 -17.24 -37.72 -5.23
C ASP E 99 -16.65 -37.20 -3.93
N MET E 100 -15.52 -36.49 -3.99
CA MET E 100 -14.93 -35.91 -2.77
C MET E 100 -15.70 -34.71 -2.21
N LEU F 1 10.81 -5.50 -14.29
CA LEU F 1 12.11 -6.04 -13.78
C LEU F 1 13.02 -4.95 -13.29
N ALA F 2 13.88 -5.28 -12.33
CA ALA F 2 14.92 -4.32 -11.93
C ALA F 2 15.97 -4.16 -13.02
N GLY F 3 16.36 -2.91 -13.28
CA GLY F 3 17.44 -2.66 -14.21
C GLY F 3 18.71 -2.27 -13.47
N ILE F 4 18.63 -2.23 -12.13
CA ILE F 4 19.76 -1.96 -11.23
C ILE F 4 19.70 -2.88 -10.03
N GLY F 5 20.83 -3.09 -9.35
CA GLY F 5 20.82 -3.88 -8.10
C GLY F 5 20.86 -5.39 -8.24
N ILE F 6 20.92 -5.87 -9.47
CA ILE F 6 20.94 -7.32 -9.67
C ILE F 6 22.37 -7.72 -10.07
N LEU F 7 23.11 -8.31 -9.13
CA LEU F 7 24.55 -8.45 -9.26
C LEU F 7 24.85 -9.89 -8.95
N THR F 8 25.91 -10.39 -9.54
CA THR F 8 26.40 -11.72 -9.23
C THR F 8 26.73 -11.91 -7.75
N VAL F 9 26.48 -13.12 -7.25
CA VAL F 9 26.84 -13.45 -5.85
C VAL F 9 28.36 -13.60 -5.58
C1 GOL G . 27.88 25.16 21.29
O1 GOL G . 26.52 25.13 21.77
C2 GOL G . 27.92 24.32 20.02
O2 GOL G . 27.74 22.99 20.44
C3 GOL G . 29.21 24.45 19.24
O3 GOL G . 29.21 23.41 18.26
C1 GOL H . -3.93 19.60 2.09
O1 GOL H . -3.65 19.26 3.44
C2 GOL H . -2.88 18.99 1.18
O2 GOL H . -1.55 19.27 1.60
C3 GOL H . -3.17 17.51 1.10
O3 GOL H . -4.29 17.43 0.23
C FMT I . 11.71 26.03 14.70
O1 FMT I . 10.56 26.34 15.16
O2 FMT I . 12.42 26.68 13.88
C FMT J . -13.43 21.65 -10.43
O1 FMT J . -12.41 21.71 -9.72
O2 FMT J . -14.49 22.26 -10.24
NA NA K . -7.76 27.57 27.42
C1 GOL L . 5.87 21.81 18.65
O1 GOL L . 6.27 20.79 17.71
C2 GOL L . 4.72 21.65 19.65
O2 GOL L . 4.53 20.39 20.27
C3 GOL L . 4.72 22.77 20.71
O3 GOL L . 3.39 23.15 21.07
C FMT M . -1.99 13.70 10.60
O1 FMT M . -1.36 14.76 10.65
O2 FMT M . -2.94 13.46 9.82
C1 GOL N . -22.62 -41.84 1.76
O1 GOL N . -21.47 -42.62 2.06
C2 GOL N . -23.32 -41.41 3.01
O2 GOL N . -22.36 -40.90 3.92
C3 GOL N . -24.45 -40.45 2.61
O3 GOL N . -24.50 -39.29 3.42
C1 GOL O . 0.60 -16.07 -6.10
O1 GOL O . 0.30 -17.37 -6.54
C2 GOL O . 2.04 -15.93 -5.65
O2 GOL O . 2.83 -15.95 -6.82
C3 GOL O . 2.22 -14.63 -4.89
O3 GOL O . 3.04 -13.76 -5.65
C FMT P . 7.73 -3.40 -14.81
O1 FMT P . 8.95 -3.41 -15.07
O2 FMT P . 7.12 -4.13 -13.99
NA NA Q . 11.58 -41.42 -8.59
#